data_9KVF
#
_entry.id   9KVF
#
_cell.length_a   1.00
_cell.length_b   1.00
_cell.length_c   1.00
_cell.angle_alpha   90.00
_cell.angle_beta   90.00
_cell.angle_gamma   90.00
#
_symmetry.space_group_name_H-M   'P 1'
#
loop_
_entity.id
_entity.type
_entity.pdbx_description
1 polymer '2E10 light chain'
2 polymer 'Spike protein S1'
3 polymer '4C1 heavy chain'
4 polymer '4C1 light chain'
5 polymer '2E10 heavy chain'
6 polymer '4A5 heavy chain'
7 polymer '4A5 light chain'
#
loop_
_entity_poly.entity_id
_entity_poly.type
_entity_poly.pdbx_seq_one_letter_code
_entity_poly.pdbx_strand_id
1 'polypeptide(L)'
;EVVFTQSHSVSGSPGQTVTISCTRNSGSIDSEYVQWYQQRPGSAPTTVIYRDNQRPSGVPDRFSGSIDSSSNSASLAISG
LKSEDEADYYCQSADGNYNPFFGGGTRLTV
;
A
2 'polypeptide(L)'
;NFRVQPTESIVRFPNITNLCPFHEVFNATTFASVYAWNRKRISNCVADYSVIYNFAPFFAFKCYGVSPTKLNDLCFTNVY
ADSFVIRGNEVSQIAPGQTGNIADYNYKLPDDFTGCVIAWNSNKLDSKPSGNYNYLYRLFRKSKLKPFERDISTEIYQAG
NKPCNGVAGPNCYSPLQSYGFRPTYGVGHQPYRVVVLSFELLHAPATVCGPKKSTNLVKNKCVNFNFNGLTGTGVLTESN
KKFLPFQQFGRDIADTTDAVRDPQTLEILDITPCSFGGVSVITP
;
G
3 'polypeptide(L)'
;EVQLVESGGGLAKPGGSLRLSCAASGFTFSSYWMNWVRQAPGKGLEWVSVINSGGDNAYYADSVKGRFTTSRDNSKSTLS
LQMNSLREEDTAVYYCAKDRNLYYYDSGYYTEFSFDYWGQGVLVTVSS
;
F
4 'polypeptide(L)'
;QSVLTQPPSVSGDPGQSVTISCTGSSSNIGGYYVNWYQQFPGTAPKLLIYDDNNRPSGVSDRFSGSKSGTSASLTITGLQ
PGDEADYHCSGWDSSLSAVLFGRGTRLTVL
;
E
5 'polypeptide(L)'
;EVQLMESGGGVVQPGGSLRLSCAASGFTFGDYALHWVRQAPGKGLEWVSGITWTGTRTYYAGSVKGRFTISRDNAKNSLY
LQMTRLRAEDTAFYYCTKDRVAVGRPPSFDSWGQGVLVTVSS
;
B
6 'polypeptide(L)'
;EVQLVESGGGLVKPGGSLRLSCVASGFTFSDYEMHWVRQAPGKGLEWVSVISESGGTTYYADSVKGRFTISRDNAKNSLF
LQMNSLRAEDTAVYYCTRVVIVVFTAMRHFDYWGQGVLVTVSS
;
C
7 'polypeptide(L)'
;DIQMTQSPSSLSAPVGDTVTITCRASQGINSYLNWFQQKPGKAPKLLIYDASTLESGVPSRFSGSGSGTDFTLTISSLQP
EDFATYYCLQYNNYPFTFGPGTRLDIK
;
D
#
# COMPACT_ATOMS: atom_id res chain seq x y z
N VAL A 2 37.24 -3.78 -9.05
CA VAL A 2 38.23 -3.68 -10.12
C VAL A 2 39.62 -3.97 -9.56
N VAL A 3 39.72 -4.05 -8.24
CA VAL A 3 40.96 -4.42 -7.57
C VAL A 3 40.60 -4.82 -6.15
N PHE A 4 41.38 -5.75 -5.59
CA PHE A 4 41.02 -6.39 -4.33
C PHE A 4 42.26 -6.48 -3.44
N THR A 5 42.92 -5.34 -3.25
CA THR A 5 44.30 -5.31 -2.77
C THR A 5 44.46 -5.95 -1.39
N GLN A 6 45.50 -6.76 -1.24
CA GLN A 6 45.87 -7.35 0.04
C GLN A 6 47.39 -7.34 0.19
N SER A 7 47.86 -7.87 1.33
CA SER A 7 49.27 -7.83 1.67
C SER A 7 50.00 -9.00 1.06
N HIS A 8 51.33 -8.87 0.98
CA HIS A 8 52.17 -9.84 0.29
C HIS A 8 52.70 -10.94 1.17
N SER A 9 52.63 -10.79 2.49
CA SER A 9 53.19 -11.78 3.40
C SER A 9 52.72 -11.47 4.81
N VAL A 10 52.58 -12.51 5.63
CA VAL A 10 52.10 -12.39 6.99
C VAL A 10 52.94 -13.29 7.87
N SER A 11 53.45 -12.74 8.97
CA SER A 11 54.24 -13.51 9.93
C SER A 11 53.30 -14.36 10.78
N GLY A 12 53.84 -15.03 11.79
CA GLY A 12 53.02 -15.86 12.64
C GLY A 12 53.86 -16.67 13.59
N SER A 13 53.17 -17.49 14.38
CA SER A 13 53.80 -18.33 15.38
C SER A 13 52.86 -19.46 15.73
N PRO A 14 53.36 -20.65 16.02
CA PRO A 14 52.48 -21.78 16.31
C PRO A 14 51.68 -21.56 17.58
N GLY A 15 50.39 -21.83 17.50
CA GLY A 15 49.48 -21.71 18.63
C GLY A 15 48.65 -20.44 18.63
N GLN A 16 48.99 -19.47 17.80
CA GLN A 16 48.32 -18.18 17.77
C GLN A 16 47.24 -18.18 16.69
N THR A 17 46.70 -16.99 16.43
CA THR A 17 45.78 -16.75 15.34
C THR A 17 46.33 -15.66 14.44
N VAL A 18 45.95 -15.69 13.16
CA VAL A 18 46.45 -14.75 12.17
C VAL A 18 45.28 -14.22 11.36
N THR A 19 45.49 -13.07 10.72
CA THR A 19 44.43 -12.39 10.00
C THR A 19 44.96 -11.79 8.70
N ILE A 20 44.21 -12.01 7.61
CA ILE A 20 44.57 -11.53 6.29
C ILE A 20 43.45 -10.62 5.81
N SER A 21 43.81 -9.46 5.28
CA SER A 21 42.84 -8.42 4.94
C SER A 21 42.96 -8.03 3.48
N CYS A 22 41.87 -8.13 2.74
CA CYS A 22 41.75 -7.64 1.38
C CYS A 22 40.81 -6.44 1.37
N THR A 23 40.98 -5.57 0.38
CA THR A 23 40.26 -4.31 0.31
C THR A 23 39.80 -4.05 -1.12
N ARG A 24 38.49 -3.90 -1.28
CA ARG A 24 37.89 -3.58 -2.58
C ARG A 24 38.00 -2.08 -2.79
N ASN A 25 38.72 -1.66 -3.84
CA ASN A 25 39.13 -0.27 -3.94
C ASN A 25 38.00 0.63 -4.43
N SER A 26 37.25 0.19 -5.45
CA SER A 26 36.19 0.99 -6.04
C SER A 26 34.98 0.07 -6.19
N GLY A 27 34.16 0.04 -5.16
CA GLY A 27 32.98 -0.80 -5.13
C GLY A 27 32.65 -1.12 -3.69
N SER A 28 31.36 -1.36 -3.44
CA SER A 28 30.90 -1.63 -2.10
C SER A 28 31.11 -3.10 -1.78
N ILE A 29 31.85 -3.39 -0.72
CA ILE A 29 31.95 -4.77 -0.28
C ILE A 29 30.58 -5.22 0.24
N ASP A 30 30.43 -6.52 0.38
CA ASP A 30 29.18 -7.19 0.74
C ASP A 30 28.09 -6.97 -0.30
N SER A 31 28.39 -6.27 -1.39
CA SER A 31 27.55 -6.36 -2.57
C SER A 31 27.49 -7.80 -3.07
N GLU A 32 28.67 -8.38 -3.32
CA GLU A 32 28.80 -9.77 -3.67
C GLU A 32 29.53 -10.49 -2.55
N TYR A 33 29.60 -11.82 -2.66
CA TYR A 33 30.31 -12.60 -1.68
C TYR A 33 31.82 -12.51 -1.92
N VAL A 34 32.58 -12.90 -0.90
CA VAL A 34 34.03 -12.97 -0.96
C VAL A 34 34.45 -14.41 -0.72
N GLN A 35 35.31 -14.93 -1.60
CA GLN A 35 35.79 -16.29 -1.48
C GLN A 35 37.27 -16.30 -1.10
N TRP A 36 37.65 -17.32 -0.33
CA TRP A 36 38.99 -17.45 0.24
C TRP A 36 39.54 -18.82 -0.09
N TYR A 37 40.64 -18.86 -0.84
CA TYR A 37 41.26 -20.08 -1.34
C TYR A 37 42.67 -20.24 -0.82
N GLN A 38 43.03 -21.48 -0.46
CA GLN A 38 44.36 -21.82 0.03
C GLN A 38 45.12 -22.56 -1.05
N GLN A 39 46.25 -22.00 -1.50
CA GLN A 39 47.11 -22.65 -2.48
C GLN A 39 48.47 -22.90 -1.86
N ARG A 40 48.80 -24.15 -1.64
CA ARG A 40 50.13 -24.45 -1.17
C ARG A 40 51.12 -24.39 -2.34
N PRO A 41 52.40 -24.15 -2.07
CA PRO A 41 53.38 -24.10 -3.15
C PRO A 41 53.41 -25.40 -3.95
N GLY A 42 53.05 -25.29 -5.23
CA GLY A 42 53.10 -26.44 -6.12
C GLY A 42 51.90 -27.34 -6.08
N SER A 43 50.76 -26.86 -5.59
CA SER A 43 49.53 -27.64 -5.59
C SER A 43 48.37 -26.77 -6.04
N ALA A 44 47.31 -27.43 -6.49
CA ALA A 44 46.10 -26.73 -6.87
C ALA A 44 45.44 -26.09 -5.65
N PRO A 45 44.71 -25.00 -5.84
CA PRO A 45 44.08 -24.34 -4.70
C PRO A 45 43.03 -25.22 -4.04
N THR A 46 42.54 -24.73 -2.90
CA THR A 46 41.44 -25.33 -2.18
C THR A 46 40.62 -24.21 -1.56
N THR A 47 39.30 -24.34 -1.62
CA THR A 47 38.43 -23.28 -1.16
C THR A 47 38.29 -23.38 0.36
N VAL A 48 38.65 -22.30 1.05
CA VAL A 48 38.59 -22.27 2.50
C VAL A 48 37.30 -21.62 2.99
N ILE A 49 36.89 -20.52 2.36
CA ILE A 49 35.71 -19.78 2.75
C ILE A 49 34.91 -19.51 1.48
N TYR A 50 33.80 -20.22 1.29
CA TYR A 50 33.11 -20.22 0.01
C TYR A 50 31.95 -19.24 0.01
N ARG A 51 32.02 -18.26 0.88
CA ARG A 51 31.09 -17.15 0.97
C ARG A 51 31.70 -16.16 1.95
N ASP A 52 30.96 -15.14 2.36
CA ASP A 52 31.51 -14.21 3.35
C ASP A 52 32.00 -14.93 4.61
N ASN A 53 31.34 -16.02 4.98
CA ASN A 53 31.58 -16.66 6.27
C ASN A 53 31.71 -18.18 6.18
N GLN A 54 31.17 -18.81 5.15
CA GLN A 54 30.93 -20.24 5.19
C GLN A 54 32.23 -21.04 5.11
N ARG A 55 32.13 -22.33 5.48
CA ARG A 55 33.26 -23.25 5.48
C ARG A 55 32.81 -24.56 4.83
N PRO A 56 33.60 -25.10 3.90
CA PRO A 56 33.22 -26.38 3.28
C PRO A 56 33.35 -27.53 4.25
N SER A 57 32.96 -28.71 3.77
CA SER A 57 32.91 -29.92 4.59
C SER A 57 34.28 -30.58 4.55
N GLY A 58 35.11 -30.28 5.56
CA GLY A 58 36.45 -30.81 5.61
C GLY A 58 37.46 -29.75 6.00
N VAL A 59 37.20 -28.51 5.60
CA VAL A 59 38.04 -27.38 6.03
C VAL A 59 37.93 -27.26 7.55
N PRO A 60 39.04 -27.20 8.27
CA PRO A 60 38.98 -27.29 9.74
C PRO A 60 38.18 -26.16 10.36
N ASP A 61 37.76 -26.40 11.60
CA ASP A 61 36.99 -25.41 12.35
C ASP A 61 37.79 -24.16 12.69
N ARG A 62 39.09 -24.15 12.42
CA ARG A 62 39.91 -23.01 12.81
C ARG A 62 39.61 -21.79 11.96
N PHE A 63 39.37 -21.98 10.67
CA PHE A 63 39.22 -20.86 9.76
C PHE A 63 37.93 -20.10 10.01
N SER A 64 38.00 -18.79 9.86
CA SER A 64 36.81 -17.96 9.97
C SER A 64 36.92 -16.79 9.01
N GLY A 65 35.79 -16.25 8.62
CA GLY A 65 35.75 -15.13 7.70
C GLY A 65 34.92 -13.99 8.24
N SER A 66 35.32 -12.78 7.88
CA SER A 66 34.64 -11.57 8.32
C SER A 66 34.46 -10.65 7.14
N ILE A 67 33.23 -10.22 6.91
CA ILE A 67 32.89 -9.35 5.79
C ILE A 67 32.85 -7.89 6.23
N ASP A 68 33.53 -7.54 7.32
CA ASP A 68 33.41 -6.26 8.00
C ASP A 68 33.25 -5.10 7.02
N SER A 69 32.15 -4.37 7.17
CA SER A 69 31.69 -3.42 6.15
C SER A 69 32.52 -2.14 6.13
N SER A 70 32.54 -1.42 7.26
CA SER A 70 33.01 -0.03 7.28
C SER A 70 34.44 0.12 6.82
N SER A 71 35.22 -0.95 6.76
CA SER A 71 36.57 -0.89 6.24
C SER A 71 36.64 -1.21 4.75
N ASN A 72 35.52 -1.60 4.14
CA ASN A 72 35.48 -2.06 2.75
C ASN A 72 36.45 -3.22 2.55
N SER A 73 36.66 -3.99 3.60
CA SER A 73 37.67 -5.03 3.64
C SER A 73 37.05 -6.34 4.08
N ALA A 74 37.64 -7.43 3.62
CA ALA A 74 37.30 -8.78 4.03
C ALA A 74 38.50 -9.41 4.71
N SER A 75 38.27 -10.19 5.75
CA SER A 75 39.37 -10.65 6.58
C SER A 75 39.20 -12.11 6.94
N LEU A 76 40.23 -12.90 6.66
CA LEU A 76 40.27 -14.31 6.97
C LEU A 76 41.14 -14.53 8.20
N ALA A 77 40.61 -15.27 9.16
CA ALA A 77 41.28 -15.50 10.44
C ALA A 77 41.59 -16.97 10.59
N ILE A 78 42.74 -17.25 11.21
CA ILE A 78 43.29 -18.61 11.28
C ILE A 78 42.80 -19.35 12.52
N SER A 79 43.05 -18.79 13.71
CA SER A 79 42.57 -19.34 14.97
C SER A 79 43.05 -20.79 15.16
N GLY A 80 44.37 -20.91 15.27
CA GLY A 80 45.00 -22.21 15.47
C GLY A 80 45.94 -22.55 14.33
N LEU A 81 47.24 -22.57 14.60
CA LEU A 81 48.26 -22.65 13.56
C LEU A 81 48.99 -23.97 13.70
N LYS A 82 48.57 -24.95 12.90
CA LYS A 82 49.18 -26.27 12.89
C LYS A 82 50.32 -26.28 11.87
N SER A 83 50.91 -27.47 11.65
CA SER A 83 52.02 -27.60 10.72
C SER A 83 51.58 -27.23 9.31
N GLU A 84 50.62 -27.96 8.76
CA GLU A 84 50.15 -27.74 7.40
C GLU A 84 49.23 -26.51 7.37
N ASP A 85 49.85 -25.34 7.47
CA ASP A 85 49.10 -24.10 7.43
C ASP A 85 49.77 -22.98 6.65
N GLU A 86 50.92 -23.21 6.03
CA GLU A 86 51.64 -22.17 5.29
C GLU A 86 51.33 -22.32 3.81
N ALA A 87 50.81 -21.27 3.21
CA ALA A 87 50.36 -21.30 1.83
C ALA A 87 50.02 -19.89 1.40
N ASP A 88 49.85 -19.70 0.10
CA ASP A 88 49.37 -18.44 -0.44
C ASP A 88 47.84 -18.44 -0.41
N TYR A 89 47.26 -17.53 0.36
CA TYR A 89 45.81 -17.42 0.46
C TYR A 89 45.33 -16.31 -0.44
N TYR A 90 44.32 -16.59 -1.25
CA TYR A 90 43.78 -15.64 -2.21
C TYR A 90 42.34 -15.33 -1.84
N CYS A 91 41.91 -14.13 -2.22
CA CYS A 91 40.55 -13.67 -2.01
C CYS A 91 39.99 -13.21 -3.35
N GLN A 92 38.73 -13.56 -3.63
CA GLN A 92 38.12 -13.16 -4.89
C GLN A 92 36.68 -12.75 -4.66
N SER A 93 36.14 -11.99 -5.62
CA SER A 93 34.76 -11.52 -5.54
C SER A 93 34.29 -11.17 -6.95
N ALA A 94 33.15 -10.49 -7.03
CA ALA A 94 32.59 -10.03 -8.30
C ALA A 94 32.51 -8.51 -8.32
N ASP A 95 32.28 -7.96 -9.51
CA ASP A 95 32.31 -6.51 -9.71
C ASP A 95 31.00 -5.94 -10.26
N GLY A 96 29.87 -6.56 -9.97
CA GLY A 96 28.59 -6.08 -10.45
C GLY A 96 28.27 -6.52 -11.86
N ASN A 97 29.20 -6.35 -12.79
CA ASN A 97 29.10 -6.95 -14.11
C ASN A 97 29.38 -8.44 -14.06
N TYR A 98 29.53 -8.99 -12.87
CA TYR A 98 29.66 -10.42 -12.59
C TYR A 98 30.92 -11.02 -13.18
N ASN A 99 31.82 -10.20 -13.71
CA ASN A 99 33.16 -10.73 -13.94
C ASN A 99 33.86 -10.92 -12.60
N PRO A 100 34.47 -12.06 -12.37
CA PRO A 100 35.17 -12.27 -11.10
C PRO A 100 36.53 -11.60 -11.12
N PHE A 101 37.04 -11.34 -9.93
CA PHE A 101 38.34 -10.69 -9.80
C PHE A 101 38.99 -11.13 -8.50
N PHE A 102 40.26 -11.48 -8.59
CA PHE A 102 41.03 -12.07 -7.50
C PHE A 102 41.88 -11.01 -6.82
N GLY A 103 42.48 -11.39 -5.70
CA GLY A 103 43.41 -10.51 -5.04
C GLY A 103 44.78 -10.57 -5.66
N GLY A 104 45.82 -10.59 -4.84
CA GLY A 104 47.17 -10.71 -5.34
C GLY A 104 47.90 -11.86 -4.70
N GLY A 105 47.39 -12.32 -3.56
CA GLY A 105 48.03 -13.39 -2.83
C GLY A 105 48.72 -12.92 -1.57
N THR A 106 48.63 -13.72 -0.52
CA THR A 106 49.30 -13.45 0.74
C THR A 106 49.88 -14.75 1.27
N ARG A 107 51.19 -14.76 1.50
CA ARG A 107 51.88 -15.96 1.94
C ARG A 107 52.01 -15.94 3.46
N LEU A 108 51.59 -17.02 4.09
CA LEU A 108 51.74 -17.18 5.53
C LEU A 108 52.97 -18.05 5.80
N THR A 109 53.76 -17.63 6.77
CA THR A 109 55.03 -18.29 7.06
C THR A 109 55.13 -18.49 8.56
N VAL A 110 54.81 -19.69 9.01
CA VAL A 110 54.97 -20.06 10.40
C VAL A 110 56.42 -19.88 10.83
N GLU B 8 4.99 -29.08 -14.01
CA GLU B 8 4.27 -28.32 -12.99
C GLU B 8 4.50 -26.82 -13.16
N SER B 9 3.68 -26.02 -12.48
CA SER B 9 3.85 -24.59 -12.41
C SER B 9 3.90 -24.15 -10.96
N ILE B 10 4.66 -23.09 -10.68
CA ILE B 10 4.88 -22.63 -9.32
C ILE B 10 4.49 -21.15 -9.20
N VAL B 11 3.82 -20.82 -8.11
CA VAL B 11 3.50 -19.46 -7.72
C VAL B 11 3.86 -19.36 -6.24
N ARG B 12 4.74 -18.44 -5.90
CA ARG B 12 5.41 -18.43 -4.61
C ARG B 12 5.17 -17.09 -3.93
N PHE B 13 4.41 -17.10 -2.84
CA PHE B 13 3.96 -15.93 -2.13
C PHE B 13 4.42 -15.96 -0.69
N PRO B 14 4.54 -14.80 -0.03
CA PRO B 14 5.03 -14.79 1.36
C PRO B 14 4.11 -15.54 2.31
N ASN B 15 4.66 -15.88 3.47
CA ASN B 15 3.95 -16.66 4.48
C ASN B 15 3.20 -15.77 5.47
N ILE B 16 2.39 -14.87 4.94
CA ILE B 16 1.56 -14.01 5.78
C ILE B 16 0.26 -14.74 6.10
N THR B 17 -0.23 -14.58 7.32
CA THR B 17 -1.42 -15.28 7.79
C THR B 17 -2.38 -14.32 8.49
N ASN B 18 -2.47 -13.08 8.00
CA ASN B 18 -3.36 -12.09 8.57
C ASN B 18 -4.28 -11.56 7.49
N LEU B 19 -5.56 -11.44 7.81
CA LEU B 19 -6.49 -10.82 6.89
C LEU B 19 -6.33 -9.30 6.94
N CYS B 20 -6.86 -8.64 5.94
CA CYS B 20 -6.65 -7.21 5.89
C CYS B 20 -7.80 -6.46 6.57
N PRO B 21 -7.52 -5.28 7.13
CA PRO B 21 -8.54 -4.55 7.89
C PRO B 21 -9.43 -3.70 6.99
N PHE B 22 -9.99 -4.34 5.95
CA PHE B 22 -10.79 -3.59 5.00
C PHE B 22 -12.20 -3.35 5.50
N HIS B 23 -12.79 -4.35 6.16
CA HIS B 23 -14.15 -4.20 6.67
C HIS B 23 -14.24 -3.13 7.76
N GLU B 24 -13.12 -2.69 8.29
CA GLU B 24 -13.09 -1.64 9.30
C GLU B 24 -12.82 -0.27 8.71
N VAL B 25 -12.74 -0.15 7.39
CA VAL B 25 -12.61 1.14 6.73
C VAL B 25 -13.93 1.48 6.07
N PHE B 26 -14.64 0.46 5.59
CA PHE B 26 -15.93 0.68 4.96
C PHE B 26 -17.06 0.77 5.97
N ASN B 27 -17.00 -0.03 7.04
CA ASN B 27 -18.06 -0.10 8.04
C ASN B 27 -17.73 0.75 9.26
N ALA B 28 -17.07 1.88 9.05
CA ALA B 28 -16.85 2.81 10.14
C ALA B 28 -18.12 3.60 10.42
N THR B 29 -18.15 4.26 11.58
CA THR B 29 -19.34 5.00 11.94
C THR B 29 -19.32 6.42 11.38
N THR B 30 -18.31 7.20 11.73
CA THR B 30 -18.19 8.57 11.28
C THR B 30 -16.98 8.68 10.37
N PHE B 31 -17.21 8.98 9.10
CA PHE B 31 -16.13 9.22 8.17
C PHE B 31 -15.54 10.61 8.38
N ALA B 32 -14.52 10.94 7.61
CA ALA B 32 -13.81 12.19 7.79
C ALA B 32 -14.26 13.23 6.77
N SER B 33 -13.97 14.47 7.08
CA SER B 33 -14.19 15.54 6.12
C SER B 33 -13.15 15.46 5.02
N VAL B 34 -13.52 15.94 3.84
CA VAL B 34 -12.64 15.83 2.68
C VAL B 34 -11.35 16.61 2.89
N TYR B 35 -11.35 17.63 3.73
CA TYR B 35 -10.13 18.36 4.01
C TYR B 35 -9.28 17.67 5.06
N ALA B 36 -9.88 16.82 5.89
CA ALA B 36 -9.19 16.04 6.90
C ALA B 36 -9.31 14.55 6.59
N TRP B 37 -9.16 14.20 5.31
CA TRP B 37 -9.42 12.83 4.88
C TRP B 37 -8.49 11.86 5.58
N ASN B 38 -9.06 10.76 6.07
CA ASN B 38 -8.27 9.81 6.81
C ASN B 38 -7.49 8.89 5.88
N ARG B 39 -6.32 8.47 6.33
CA ARG B 39 -5.53 7.48 5.63
C ARG B 39 -5.20 6.34 6.58
N LYS B 40 -5.40 5.11 6.11
CA LYS B 40 -4.94 3.95 6.84
C LYS B 40 -3.97 3.16 5.97
N ARG B 41 -2.96 2.59 6.61
CA ARG B 41 -2.01 1.72 5.93
C ARG B 41 -2.47 0.28 6.04
N ILE B 42 -2.27 -0.47 4.96
CA ILE B 42 -2.58 -1.89 4.90
C ILE B 42 -1.30 -2.57 4.49
N SER B 43 -0.76 -3.38 5.40
CA SER B 43 0.50 -4.06 5.20
C SER B 43 0.48 -5.37 5.97
N ASN B 44 1.20 -6.36 5.45
CA ASN B 44 1.35 -7.67 6.07
C ASN B 44 0.00 -8.37 6.23
N CYS B 45 -0.67 -8.57 5.10
CA CYS B 45 -1.99 -9.18 5.13
C CYS B 45 -2.39 -9.68 3.75
N VAL B 46 -3.28 -10.67 3.75
CA VAL B 46 -3.87 -11.20 2.53
C VAL B 46 -5.21 -10.51 2.31
N ALA B 47 -5.37 -9.90 1.15
CA ALA B 47 -6.55 -9.11 0.85
C ALA B 47 -7.44 -9.89 -0.11
N ASP B 48 -8.67 -10.17 0.31
CA ASP B 48 -9.59 -10.88 -0.57
C ASP B 48 -10.06 -9.99 -1.72
N TYR B 49 -10.23 -8.70 -1.47
CA TYR B 49 -10.85 -7.76 -2.39
C TYR B 49 -12.25 -8.19 -2.81
N SER B 50 -12.82 -9.17 -2.12
CA SER B 50 -14.17 -9.64 -2.40
C SER B 50 -15.22 -8.96 -1.54
N VAL B 51 -14.85 -8.50 -0.35
CA VAL B 51 -15.76 -7.80 0.53
C VAL B 51 -15.67 -6.32 0.20
N ILE B 52 -14.98 -6.00 -0.89
CA ILE B 52 -14.91 -4.64 -1.39
C ILE B 52 -15.57 -4.51 -2.77
N TYR B 53 -15.54 -5.55 -3.59
CA TYR B 53 -16.28 -5.53 -4.85
C TYR B 53 -17.76 -5.76 -4.63
N ASN B 54 -18.12 -6.56 -3.62
CA ASN B 54 -19.51 -6.74 -3.19
C ASN B 54 -19.57 -6.43 -1.68
N PHE B 55 -19.71 -5.16 -1.36
CA PHE B 55 -19.90 -4.71 0.02
C PHE B 55 -21.23 -4.00 0.19
N ALA B 56 -21.50 -2.99 -0.62
CA ALA B 56 -22.79 -2.32 -0.69
C ALA B 56 -23.07 -2.00 -2.15
N PRO B 57 -24.32 -1.73 -2.51
CA PRO B 57 -24.59 -1.21 -3.86
C PRO B 57 -23.79 0.05 -4.12
N PHE B 58 -22.84 -0.03 -5.04
CA PHE B 58 -21.86 1.03 -5.23
C PHE B 58 -22.26 1.95 -6.37
N PHE B 59 -21.97 3.24 -6.20
CA PHE B 59 -22.14 4.18 -7.30
C PHE B 59 -20.91 4.22 -8.18
N ALA B 60 -19.72 4.11 -7.60
CA ALA B 60 -18.49 4.14 -8.37
C ALA B 60 -17.51 3.10 -7.82
N PHE B 61 -16.97 2.27 -8.71
CA PHE B 61 -15.91 1.32 -8.42
C PHE B 61 -14.84 1.40 -9.50
N LYS B 62 -14.36 2.60 -9.78
CA LYS B 62 -13.48 2.81 -10.92
C LYS B 62 -12.05 2.49 -10.52
N CYS B 63 -11.47 1.46 -11.12
CA CYS B 63 -10.12 1.00 -10.77
C CYS B 63 -9.11 1.48 -11.80
N TYR B 64 -8.67 2.73 -11.63
CA TYR B 64 -7.62 3.29 -12.48
C TYR B 64 -6.30 2.56 -12.23
N GLY B 65 -5.73 2.02 -13.29
CA GLY B 65 -4.53 1.21 -13.15
C GLY B 65 -4.84 -0.28 -13.22
N VAL B 66 -4.67 -0.98 -12.11
CA VAL B 66 -4.97 -2.40 -12.07
C VAL B 66 -6.46 -2.63 -12.24
N SER B 67 -6.83 -3.86 -12.59
CA SER B 67 -8.22 -4.18 -12.88
C SER B 67 -8.76 -5.21 -11.89
N PRO B 68 -10.04 -5.09 -11.51
CA PRO B 68 -10.59 -5.96 -10.46
C PRO B 68 -10.37 -7.44 -10.66
N THR B 69 -10.25 -7.90 -11.91
CA THR B 69 -9.91 -9.30 -12.13
C THR B 69 -8.48 -9.61 -11.72
N LYS B 70 -7.60 -8.61 -11.73
CA LYS B 70 -6.17 -8.84 -11.59
C LYS B 70 -5.62 -8.60 -10.19
N LEU B 71 -6.33 -7.87 -9.33
CA LEU B 71 -5.80 -7.59 -8.00
C LEU B 71 -5.51 -8.86 -7.22
N ASN B 72 -6.38 -9.86 -7.30
CA ASN B 72 -6.01 -11.17 -6.82
C ASN B 72 -4.90 -11.73 -7.71
N ASP B 73 -3.86 -12.28 -7.09
CA ASP B 73 -2.61 -12.75 -7.68
C ASP B 73 -1.63 -11.62 -8.01
N LEU B 74 -1.89 -10.40 -7.57
CA LEU B 74 -0.89 -9.34 -7.53
C LEU B 74 -0.44 -9.12 -6.10
N CYS B 75 0.86 -8.88 -5.92
CA CYS B 75 1.41 -8.56 -4.62
C CYS B 75 1.92 -7.13 -4.65
N PHE B 76 1.62 -6.38 -3.59
CA PHE B 76 2.04 -5.00 -3.46
C PHE B 76 2.86 -4.83 -2.20
N THR B 77 3.64 -3.76 -2.15
CA THR B 77 4.41 -3.47 -0.96
C THR B 77 3.53 -2.87 0.12
N ASN B 78 2.82 -1.79 -0.20
CA ASN B 78 1.91 -1.18 0.76
C ASN B 78 0.61 -0.79 0.07
N VAL B 79 -0.51 -1.00 0.76
CA VAL B 79 -1.80 -0.50 0.27
C VAL B 79 -2.23 0.61 1.22
N TYR B 80 -3.04 1.53 0.72
CA TYR B 80 -3.44 2.70 1.47
C TYR B 80 -4.92 2.97 1.23
N ALA B 81 -5.71 2.92 2.30
CA ALA B 81 -7.14 3.19 2.24
C ALA B 81 -7.39 4.60 2.72
N ASP B 82 -7.69 5.50 1.79
CA ASP B 82 -8.13 6.86 2.13
C ASP B 82 -9.64 6.89 2.22
N SER B 83 -10.15 7.65 3.16
CA SER B 83 -11.58 7.71 3.44
C SER B 83 -12.01 9.14 3.65
N PHE B 84 -13.15 9.50 3.06
CA PHE B 84 -13.75 10.82 3.31
C PHE B 84 -15.18 10.81 2.77
N VAL B 85 -15.84 11.96 2.86
CA VAL B 85 -17.22 12.14 2.44
C VAL B 85 -17.33 13.44 1.66
N ILE B 86 -17.83 13.37 0.43
CA ILE B 86 -18.04 14.53 -0.41
C ILE B 86 -19.47 14.51 -0.93
N ARG B 87 -19.77 15.50 -1.76
CA ARG B 87 -21.06 15.62 -2.42
C ARG B 87 -21.08 14.76 -3.68
N GLY B 88 -22.27 14.31 -4.07
CA GLY B 88 -22.36 13.32 -5.12
C GLY B 88 -21.87 13.79 -6.47
N ASN B 89 -22.03 15.08 -6.77
CA ASN B 89 -21.51 15.62 -8.01
C ASN B 89 -20.00 15.55 -8.07
N GLU B 90 -19.33 15.50 -6.92
CA GLU B 90 -17.89 15.63 -6.84
C GLU B 90 -17.17 14.28 -6.96
N VAL B 91 -17.89 13.18 -7.14
CA VAL B 91 -17.22 11.90 -7.27
C VAL B 91 -16.43 11.81 -8.57
N SER B 92 -16.81 12.56 -9.59
CA SER B 92 -15.98 12.66 -10.79
C SER B 92 -14.62 13.27 -10.48
N GLN B 93 -14.59 14.28 -9.62
CA GLN B 93 -13.33 14.97 -9.31
C GLN B 93 -12.35 14.09 -8.58
N ILE B 94 -12.79 12.96 -8.03
CA ILE B 94 -11.87 11.98 -7.45
C ILE B 94 -11.50 11.04 -8.60
N ALA B 95 -10.54 11.47 -9.39
CA ALA B 95 -10.07 10.76 -10.57
C ALA B 95 -8.80 11.43 -11.05
N PRO B 96 -7.92 10.73 -11.76
CA PRO B 96 -6.69 11.37 -12.24
C PRO B 96 -6.97 12.46 -13.25
N GLY B 97 -6.23 13.55 -13.14
CA GLY B 97 -6.27 14.62 -14.12
C GLY B 97 -7.58 15.39 -14.13
N GLN B 98 -8.00 15.88 -12.98
CA GLN B 98 -9.29 16.54 -12.86
C GLN B 98 -9.16 17.86 -12.12
N THR B 99 -10.07 18.77 -12.41
CA THR B 99 -10.02 20.13 -11.93
C THR B 99 -11.31 20.44 -11.17
N GLY B 100 -11.27 21.47 -10.35
CA GLY B 100 -12.44 21.90 -9.62
C GLY B 100 -12.05 22.38 -8.23
N ASN B 101 -12.88 22.03 -7.27
CA ASN B 101 -12.63 22.34 -5.87
C ASN B 101 -12.07 21.17 -5.09
N ILE B 102 -12.70 19.99 -5.18
CA ILE B 102 -12.33 18.89 -4.32
C ILE B 102 -10.97 18.33 -4.71
N ALA B 103 -10.70 18.26 -6.01
CA ALA B 103 -9.41 17.73 -6.43
C ALA B 103 -8.31 18.78 -6.36
N ASP B 104 -8.64 20.04 -6.59
CA ASP B 104 -7.62 21.08 -6.61
C ASP B 104 -7.27 21.61 -5.23
N TYR B 105 -8.19 21.54 -4.27
CA TYR B 105 -7.97 22.11 -2.95
C TYR B 105 -8.17 21.13 -1.81
N ASN B 106 -8.74 19.95 -2.04
CA ASN B 106 -9.02 19.02 -0.95
C ASN B 106 -8.33 17.68 -1.09
N TYR B 107 -8.42 17.03 -2.26
CA TYR B 107 -7.89 15.67 -2.40
C TYR B 107 -7.50 15.44 -3.86
N LYS B 108 -6.20 15.51 -4.15
CA LYS B 108 -5.67 15.39 -5.49
C LYS B 108 -5.04 14.02 -5.70
N LEU B 109 -5.29 13.42 -6.84
CA LEU B 109 -4.71 12.16 -7.23
C LEU B 109 -3.70 12.36 -8.35
N PRO B 110 -2.67 11.53 -8.42
CA PRO B 110 -1.65 11.72 -9.46
C PRO B 110 -2.13 11.26 -10.82
N ASP B 111 -1.56 11.89 -11.86
CA ASP B 111 -1.91 11.50 -13.22
C ASP B 111 -1.60 10.03 -13.49
N ASP B 112 -0.63 9.46 -12.79
CA ASP B 112 -0.26 8.06 -12.92
C ASP B 112 -0.82 7.21 -11.78
N PHE B 113 -1.97 7.57 -11.24
CA PHE B 113 -2.52 6.89 -10.08
C PHE B 113 -2.70 5.41 -10.38
N THR B 114 -2.60 4.60 -9.32
CA THR B 114 -2.83 3.17 -9.41
C THR B 114 -3.68 2.74 -8.23
N GLY B 115 -4.81 2.12 -8.49
CA GLY B 115 -5.71 1.67 -7.46
C GLY B 115 -7.15 1.92 -7.86
N CYS B 116 -8.03 1.78 -6.88
CA CYS B 116 -9.46 1.86 -7.11
C CYS B 116 -10.05 3.02 -6.33
N VAL B 117 -11.11 3.62 -6.89
CA VAL B 117 -11.91 4.62 -6.21
C VAL B 117 -13.32 4.07 -6.07
N ILE B 118 -13.77 3.88 -4.83
CA ILE B 118 -15.11 3.39 -4.53
C ILE B 118 -15.89 4.53 -3.89
N ALA B 119 -17.17 4.62 -4.20
CA ALA B 119 -17.99 5.74 -3.74
C ALA B 119 -19.45 5.32 -3.72
N TRP B 120 -20.13 5.60 -2.61
CA TRP B 120 -21.52 5.18 -2.45
C TRP B 120 -22.29 6.15 -1.58
N ASN B 121 -23.62 6.10 -1.71
CA ASN B 121 -24.53 7.05 -1.08
C ASN B 121 -24.66 6.79 0.41
N SER B 122 -24.60 7.86 1.20
CA SER B 122 -24.71 7.77 2.65
C SER B 122 -25.73 8.76 3.19
N ASN B 123 -26.74 9.10 2.39
CA ASN B 123 -27.83 9.94 2.89
C ASN B 123 -28.51 9.31 4.09
N LYS B 124 -28.54 7.97 4.15
CA LYS B 124 -29.30 7.28 5.17
C LYS B 124 -28.70 7.45 6.55
N LEU B 125 -27.38 7.62 6.65
CA LEU B 125 -26.72 7.70 7.95
C LEU B 125 -25.70 8.84 8.05
N ASP B 126 -25.65 9.74 7.08
CA ASP B 126 -24.82 10.92 7.17
C ASP B 126 -25.61 12.21 7.04
N SER B 127 -26.93 12.13 6.89
CA SER B 127 -27.79 13.29 6.72
C SER B 127 -28.68 13.45 7.93
N LYS B 128 -28.96 14.71 8.29
CA LYS B 128 -29.78 15.02 9.45
C LYS B 128 -30.86 16.02 9.07
N PRO B 129 -32.11 15.79 9.51
CA PRO B 129 -33.17 16.75 9.18
C PRO B 129 -32.88 18.16 9.65
N SER B 130 -32.40 18.32 10.89
CA SER B 130 -31.99 19.62 11.36
C SER B 130 -30.80 20.16 10.58
N GLY B 131 -29.96 19.28 10.03
CA GLY B 131 -28.82 19.69 9.26
C GLY B 131 -27.51 19.17 9.83
N ASN B 132 -26.79 18.39 9.04
CA ASN B 132 -25.51 17.83 9.46
C ASN B 132 -24.41 18.79 9.03
N TYR B 133 -23.88 19.54 10.00
CA TYR B 133 -22.80 20.50 9.75
C TYR B 133 -21.46 19.97 10.21
N ASN B 134 -21.34 18.66 10.41
CA ASN B 134 -20.09 18.06 10.85
C ASN B 134 -19.09 17.83 9.71
N TYR B 135 -19.53 17.91 8.45
CA TYR B 135 -18.67 17.67 7.31
C TYR B 135 -18.34 18.99 6.64
N LEU B 136 -17.06 19.20 6.37
CA LEU B 136 -16.58 20.47 5.83
C LEU B 136 -15.71 20.21 4.61
N TYR B 137 -15.54 21.25 3.80
CA TYR B 137 -14.66 21.20 2.65
C TYR B 137 -13.95 22.52 2.52
N ARG B 138 -12.75 22.47 1.95
CA ARG B 138 -11.95 23.68 1.76
C ARG B 138 -12.35 24.34 0.46
N LEU B 139 -12.72 25.61 0.53
CA LEU B 139 -13.12 26.37 -0.64
C LEU B 139 -11.99 27.20 -1.22
N PHE B 140 -11.08 27.69 -0.39
CA PHE B 140 -10.01 28.58 -0.84
C PHE B 140 -8.67 28.08 -0.34
N ARG B 141 -7.70 27.99 -1.25
CA ARG B 141 -6.31 27.78 -0.88
C ARG B 141 -5.42 28.60 -1.81
N LYS B 142 -4.35 29.15 -1.24
CA LYS B 142 -3.45 30.01 -2.00
C LYS B 142 -2.76 29.28 -3.15
N SER B 143 -2.88 27.96 -3.24
CA SER B 143 -2.23 27.22 -4.30
C SER B 143 -2.88 25.85 -4.42
N LYS B 144 -2.67 25.22 -5.56
CA LYS B 144 -3.20 23.89 -5.80
C LYS B 144 -2.48 22.87 -4.93
N LEU B 145 -2.96 21.64 -4.97
CA LEU B 145 -2.42 20.57 -4.16
C LEU B 145 -1.61 19.60 -5.01
N LYS B 146 -0.57 19.04 -4.42
CA LYS B 146 0.15 17.95 -5.03
C LYS B 146 -0.57 16.64 -4.74
N PRO B 147 -0.26 15.57 -5.47
CA PRO B 147 -0.88 14.27 -5.19
C PRO B 147 -0.68 13.85 -3.74
N PHE B 148 -1.80 13.63 -3.06
CA PHE B 148 -1.88 13.12 -1.69
C PHE B 148 -1.38 14.11 -0.65
N GLU B 149 -1.28 15.39 -1.00
CA GLU B 149 -1.08 16.40 0.02
C GLU B 149 -2.34 16.56 0.86
N ARG B 150 -2.22 17.30 1.96
CA ARG B 150 -3.34 17.47 2.87
C ARG B 150 -3.15 18.78 3.63
N ASP B 151 -4.14 19.65 3.55
CA ASP B 151 -4.10 20.97 4.18
C ASP B 151 -5.15 20.99 5.29
N ILE B 152 -4.72 20.77 6.52
CA ILE B 152 -5.63 20.71 7.65
C ILE B 152 -5.68 22.08 8.31
N SER B 153 -5.13 23.08 7.64
CA SER B 153 -5.08 24.43 8.18
C SER B 153 -6.49 25.00 8.37
N THR B 154 -6.58 26.03 9.22
CA THR B 154 -7.83 26.75 9.42
C THR B 154 -7.59 28.25 9.47
N GLU B 155 -6.64 28.74 8.68
CA GLU B 155 -6.27 30.15 8.71
C GLU B 155 -7.13 30.95 7.74
N ILE B 156 -7.47 32.17 8.15
CA ILE B 156 -8.26 33.05 7.29
C ILE B 156 -7.43 33.44 6.08
N TYR B 157 -8.09 33.53 4.92
CA TYR B 157 -7.42 33.77 3.65
C TYR B 157 -7.89 35.09 3.06
N GLN B 158 -6.93 35.92 2.65
CA GLN B 158 -7.22 37.23 2.10
C GLN B 158 -6.76 37.30 0.65
N ALA B 159 -7.66 37.71 -0.24
CA ALA B 159 -7.37 37.81 -1.66
C ALA B 159 -6.98 39.23 -2.08
N GLY B 160 -7.24 40.24 -1.25
CA GLY B 160 -6.90 41.60 -1.59
C GLY B 160 -5.51 42.00 -1.12
N ASN B 161 -5.07 43.16 -1.60
CA ASN B 161 -3.76 43.68 -1.21
C ASN B 161 -3.75 44.11 0.26
N LYS B 162 -4.89 44.54 0.79
CA LYS B 162 -4.96 44.92 2.19
C LYS B 162 -4.86 43.68 3.08
N PRO B 163 -4.23 43.79 4.24
CA PRO B 163 -4.07 42.63 5.12
C PRO B 163 -5.38 42.25 5.81
N CYS B 164 -5.39 41.04 6.35
CA CYS B 164 -6.55 40.52 7.07
C CYS B 164 -6.06 39.43 8.00
N ASN B 165 -6.41 39.52 9.28
CA ASN B 165 -5.89 38.59 10.27
C ASN B 165 -6.90 38.47 11.41
N GLY B 166 -7.38 37.26 11.66
CA GLY B 166 -8.25 36.98 12.78
C GLY B 166 -9.66 37.52 12.68
N VAL B 167 -10.06 38.01 11.51
CA VAL B 167 -11.41 38.53 11.31
C VAL B 167 -11.88 38.14 9.93
N ALA B 168 -13.15 37.74 9.83
CA ALA B 168 -13.73 37.40 8.53
C ALA B 168 -14.32 38.64 7.86
N GLY B 169 -13.52 39.69 7.74
CA GLY B 169 -13.97 40.93 7.16
C GLY B 169 -14.00 40.88 5.65
N PRO B 170 -14.31 42.00 5.01
CA PRO B 170 -14.35 42.02 3.54
C PRO B 170 -12.97 41.77 2.94
N ASN B 171 -12.97 41.32 1.68
CA ASN B 171 -11.80 40.96 0.90
C ASN B 171 -11.08 39.74 1.45
N CYS B 172 -11.56 39.15 2.55
CA CYS B 172 -11.02 37.91 3.07
C CYS B 172 -12.18 37.03 3.49
N TYR B 173 -11.90 35.73 3.66
CA TYR B 173 -12.96 34.77 3.90
C TYR B 173 -12.37 33.51 4.55
N SER B 174 -13.13 32.93 5.47
CA SER B 174 -12.73 31.66 6.06
C SER B 174 -12.54 30.61 4.98
N PRO B 175 -11.59 29.68 5.14
CA PRO B 175 -11.33 28.72 4.06
C PRO B 175 -12.25 27.51 4.06
N LEU B 176 -12.79 27.14 5.22
CA LEU B 176 -13.62 25.96 5.35
C LEU B 176 -15.09 26.32 5.19
N GLN B 177 -15.86 25.38 4.66
CA GLN B 177 -17.27 25.57 4.38
C GLN B 177 -18.02 24.31 4.72
N SER B 178 -19.14 24.46 5.43
CA SER B 178 -19.92 23.32 5.87
C SER B 178 -20.85 22.87 4.76
N TYR B 179 -20.87 21.56 4.49
CA TYR B 179 -21.78 21.02 3.49
C TYR B 179 -23.23 21.26 3.86
N GLY B 180 -23.69 20.65 4.94
CA GLY B 180 -25.10 20.67 5.26
C GLY B 180 -25.76 19.52 4.54
N PHE B 181 -26.33 18.56 5.28
CA PHE B 181 -26.86 17.35 4.66
C PHE B 181 -28.26 17.09 5.22
N ARG B 182 -29.26 17.63 4.54
CA ARG B 182 -30.65 17.37 4.86
C ARG B 182 -31.19 16.27 3.96
N PRO B 183 -31.97 15.34 4.53
CA PRO B 183 -32.30 14.11 3.80
C PRO B 183 -32.97 14.34 2.46
N THR B 184 -33.53 15.52 2.20
CA THR B 184 -34.23 15.81 0.97
C THR B 184 -33.41 16.67 0.03
N TYR B 185 -32.09 16.62 0.15
CA TYR B 185 -31.23 17.25 -0.82
C TYR B 185 -31.28 16.48 -2.13
N GLY B 186 -30.95 17.17 -3.22
CA GLY B 186 -30.86 16.50 -4.50
C GLY B 186 -29.80 15.41 -4.50
N VAL B 187 -30.02 14.39 -5.32
CA VAL B 187 -29.10 13.25 -5.34
C VAL B 187 -27.70 13.70 -5.72
N GLY B 188 -27.59 14.75 -6.51
CA GLY B 188 -26.28 15.30 -6.80
C GLY B 188 -25.63 15.94 -5.60
N HIS B 189 -26.42 16.44 -4.65
CA HIS B 189 -25.91 17.15 -3.50
C HIS B 189 -26.06 16.35 -2.21
N GLN B 190 -26.40 15.08 -2.31
CA GLN B 190 -26.51 14.24 -1.14
C GLN B 190 -25.13 13.71 -0.73
N PRO B 191 -24.99 13.24 0.50
CA PRO B 191 -23.69 12.73 0.95
C PRO B 191 -23.26 11.50 0.17
N TYR B 192 -21.94 11.37 -0.01
CA TYR B 192 -21.36 10.19 -0.63
C TYR B 192 -20.03 9.90 0.05
N ARG B 193 -19.88 8.67 0.51
CA ARG B 193 -18.65 8.21 1.16
C ARG B 193 -17.73 7.62 0.11
N VAL B 194 -16.47 8.06 0.12
CA VAL B 194 -15.47 7.69 -0.85
C VAL B 194 -14.31 7.01 -0.13
N VAL B 195 -13.94 5.82 -0.63
CA VAL B 195 -12.78 5.07 -0.18
C VAL B 195 -11.87 4.88 -1.38
N VAL B 196 -10.67 5.43 -1.31
CA VAL B 196 -9.66 5.31 -2.36
C VAL B 196 -8.63 4.30 -1.89
N LEU B 197 -8.56 3.17 -2.57
CA LEU B 197 -7.51 2.19 -2.33
C LEU B 197 -6.36 2.47 -3.29
N SER B 198 -5.18 2.74 -2.74
CA SER B 198 -3.99 3.07 -3.52
C SER B 198 -2.92 2.03 -3.25
N PHE B 199 -2.43 1.39 -4.31
CA PHE B 199 -1.44 0.33 -4.19
C PHE B 199 -0.06 0.84 -4.57
N GLU B 200 0.96 0.34 -3.87
CA GLU B 200 2.31 0.87 -3.98
C GLU B 200 3.30 -0.29 -4.06
N LEU B 201 3.98 -0.39 -5.21
CA LEU B 201 5.11 -1.28 -5.39
C LEU B 201 6.39 -0.50 -5.18
N LEU B 202 7.33 -1.09 -4.45
CA LEU B 202 8.58 -0.43 -4.17
C LEU B 202 9.67 -1.49 -4.06
N HIS B 203 10.91 -1.03 -3.98
CA HIS B 203 12.06 -1.92 -3.85
C HIS B 203 12.13 -2.37 -2.40
N ALA B 204 11.19 -3.24 -2.05
CA ALA B 204 11.05 -3.75 -0.69
C ALA B 204 10.22 -5.01 -0.75
N PRO B 205 10.19 -5.80 0.32
CA PRO B 205 9.32 -6.98 0.33
C PRO B 205 7.87 -6.61 0.07
N ALA B 206 7.13 -7.55 -0.50
CA ALA B 206 5.69 -7.40 -0.69
C ALA B 206 4.99 -7.79 0.61
N THR B 207 4.18 -6.88 1.14
CA THR B 207 3.47 -7.15 2.38
C THR B 207 2.02 -7.55 2.12
N VAL B 208 1.35 -6.88 1.20
CA VAL B 208 -0.03 -7.19 0.84
C VAL B 208 -0.03 -8.09 -0.37
N CYS B 209 -0.80 -9.16 -0.31
CA CYS B 209 -0.84 -10.16 -1.37
C CYS B 209 -2.22 -10.79 -1.41
N GLY B 210 -2.74 -10.99 -2.61
CA GLY B 210 -4.01 -11.64 -2.76
C GLY B 210 -3.99 -13.07 -2.27
N PRO B 211 -5.15 -13.68 -2.10
CA PRO B 211 -5.26 -15.02 -1.50
C PRO B 211 -4.95 -16.15 -2.47
N LYS B 212 -3.79 -16.10 -3.11
CA LYS B 212 -3.32 -17.18 -3.98
C LYS B 212 -2.33 -18.02 -3.18
N LYS B 213 -2.69 -19.28 -2.94
CA LYS B 213 -1.90 -20.13 -2.07
C LYS B 213 -0.52 -20.39 -2.67
N SER B 214 0.50 -20.20 -1.84
CA SER B 214 1.87 -20.48 -2.25
C SER B 214 2.02 -21.95 -2.60
N THR B 215 2.84 -22.22 -3.60
CA THR B 215 3.11 -23.57 -4.06
C THR B 215 4.48 -24.01 -3.56
N ASN B 216 4.70 -25.32 -3.50
CA ASN B 216 5.99 -25.84 -3.08
C ASN B 216 7.02 -25.67 -4.19
N LEU B 217 8.23 -25.29 -3.81
CA LEU B 217 9.24 -24.88 -4.77
C LEU B 217 9.85 -26.08 -5.48
N VAL B 218 10.10 -25.93 -6.77
CA VAL B 218 10.67 -27.00 -7.59
C VAL B 218 11.69 -26.37 -8.51
N LYS B 219 12.95 -26.76 -8.36
CA LYS B 219 14.03 -26.36 -9.25
C LYS B 219 14.36 -27.52 -10.18
N ASN B 220 15.30 -27.27 -11.09
CA ASN B 220 15.79 -28.24 -12.06
C ASN B 220 14.73 -28.70 -13.04
N LYS B 221 13.66 -27.92 -13.22
CA LYS B 221 12.62 -28.24 -14.19
C LYS B 221 12.08 -26.96 -14.77
N CYS B 222 11.50 -27.06 -15.97
CA CYS B 222 10.97 -25.91 -16.68
C CYS B 222 9.53 -25.66 -16.22
N VAL B 223 9.35 -24.67 -15.36
CA VAL B 223 8.05 -24.38 -14.76
C VAL B 223 7.63 -22.97 -15.15
N ASN B 224 6.33 -22.70 -14.95
CA ASN B 224 5.77 -21.37 -15.07
C ASN B 224 5.83 -20.72 -13.71
N PHE B 225 6.60 -19.64 -13.58
CA PHE B 225 6.85 -19.07 -12.27
C PHE B 225 6.08 -17.78 -12.08
N ASN B 226 5.68 -17.54 -10.84
CA ASN B 226 4.88 -16.38 -10.41
C ASN B 226 5.34 -16.06 -8.99
N PHE B 227 6.28 -15.13 -8.88
CA PHE B 227 6.87 -14.75 -7.61
C PHE B 227 6.43 -13.34 -7.28
N ASN B 228 5.69 -13.19 -6.19
CA ASN B 228 5.15 -11.91 -5.76
C ASN B 228 4.38 -11.22 -6.88
N GLY B 229 3.83 -12.01 -7.78
CA GLY B 229 3.08 -11.45 -8.89
C GLY B 229 3.82 -11.47 -10.20
N LEU B 230 5.13 -11.25 -10.17
CA LEU B 230 5.91 -11.24 -11.40
C LEU B 230 5.96 -12.63 -12.01
N THR B 231 5.57 -12.75 -13.27
CA THR B 231 5.34 -14.04 -13.90
C THR B 231 6.22 -14.22 -15.13
N GLY B 232 6.55 -15.48 -15.38
CA GLY B 232 7.31 -15.83 -16.57
C GLY B 232 7.39 -17.34 -16.67
N THR B 233 8.29 -17.82 -17.53
CA THR B 233 8.56 -19.24 -17.65
C THR B 233 10.06 -19.47 -17.55
N GLY B 234 10.44 -20.69 -17.21
CA GLY B 234 11.84 -21.04 -17.21
C GLY B 234 12.15 -22.05 -16.11
N VAL B 235 13.44 -22.35 -15.99
CA VAL B 235 13.94 -23.21 -14.93
C VAL B 235 14.72 -22.35 -13.94
N LEU B 236 14.44 -22.57 -12.66
CA LEU B 236 15.05 -21.84 -11.57
C LEU B 236 16.16 -22.69 -10.97
N THR B 237 17.33 -22.08 -10.76
CA THR B 237 18.47 -22.79 -10.20
C THR B 237 19.11 -21.93 -9.13
N GLU B 238 19.53 -22.58 -8.03
CA GLU B 238 20.15 -21.88 -6.92
C GLU B 238 21.29 -21.01 -7.42
N SER B 239 21.33 -19.77 -6.94
CA SER B 239 22.17 -18.75 -7.54
C SER B 239 23.15 -18.21 -6.51
N ASN B 240 24.45 -18.33 -6.81
CA ASN B 240 25.46 -17.71 -5.98
C ASN B 240 25.55 -16.20 -6.21
N LYS B 241 24.65 -15.65 -6.99
CA LYS B 241 24.48 -14.21 -7.07
C LYS B 241 23.89 -13.69 -5.77
N LYS B 242 24.16 -12.42 -5.48
CA LYS B 242 23.54 -11.77 -4.34
C LYS B 242 23.38 -10.28 -4.63
N PHE B 243 22.19 -9.78 -4.29
CA PHE B 243 21.91 -8.35 -4.35
C PHE B 243 21.48 -7.84 -2.98
N LEU B 244 21.30 -6.53 -2.90
CA LEU B 244 21.02 -5.87 -1.64
C LEU B 244 19.80 -6.50 -0.98
N PRO B 245 19.69 -6.44 0.35
CA PRO B 245 18.42 -6.84 0.97
C PRO B 245 17.34 -5.80 0.63
N PHE B 246 16.09 -6.23 0.76
CA PHE B 246 14.91 -5.49 0.32
C PHE B 246 14.83 -5.39 -1.20
N GLN B 247 15.80 -5.93 -1.94
CA GLN B 247 15.70 -6.04 -3.38
C GLN B 247 15.07 -7.37 -3.73
N GLN B 248 14.38 -7.42 -4.89
CA GLN B 248 13.50 -8.53 -5.18
C GLN B 248 13.69 -9.15 -6.56
N PHE B 249 14.39 -8.50 -7.50
CA PHE B 249 14.50 -9.07 -8.83
C PHE B 249 15.84 -8.69 -9.44
N GLY B 250 16.17 -9.38 -10.52
CA GLY B 250 17.48 -9.32 -11.15
C GLY B 250 17.47 -8.80 -12.57
N ARG B 251 16.75 -7.71 -12.81
CA ARG B 251 16.71 -7.09 -14.13
C ARG B 251 18.09 -6.99 -14.76
N ASP B 252 18.16 -7.29 -16.05
CA ASP B 252 19.43 -7.36 -16.78
C ASP B 252 19.21 -6.76 -18.17
N ILE B 253 20.18 -6.97 -19.05
CA ILE B 253 20.07 -6.50 -20.42
C ILE B 253 20.69 -7.51 -21.38
N ASP B 255 15.60 -5.90 -20.16
CA ASP B 255 14.99 -5.87 -18.80
C ASP B 255 14.38 -7.23 -18.49
N THR B 256 15.11 -8.31 -18.71
CA THR B 256 14.61 -9.66 -18.41
C THR B 256 14.67 -9.84 -16.92
N THR B 257 14.12 -10.92 -16.39
CA THR B 257 14.28 -11.13 -14.94
C THR B 257 15.27 -12.25 -14.75
N ASP B 258 16.55 -11.91 -14.68
CA ASP B 258 17.61 -12.96 -14.58
C ASP B 258 17.43 -13.75 -13.28
N ALA B 259 17.32 -13.07 -12.13
CA ALA B 259 17.25 -13.75 -10.85
C ALA B 259 16.10 -13.18 -10.02
N VAL B 260 15.56 -14.03 -9.13
CA VAL B 260 14.44 -13.70 -8.28
C VAL B 260 14.79 -14.04 -6.85
N ARG B 261 14.08 -13.44 -5.90
CA ARG B 261 14.27 -13.68 -4.48
C ARG B 261 13.04 -14.38 -3.92
N ASP B 262 13.23 -15.57 -3.37
CA ASP B 262 12.11 -16.34 -2.89
C ASP B 262 11.48 -15.66 -1.68
N PRO B 263 10.18 -15.36 -1.71
CA PRO B 263 9.58 -14.62 -0.59
C PRO B 263 9.65 -15.35 0.74
N GLN B 264 9.44 -16.67 0.74
CA GLN B 264 9.33 -17.38 2.01
C GLN B 264 10.71 -17.61 2.65
N THR B 265 11.60 -18.27 1.92
CA THR B 265 12.99 -18.45 2.34
C THR B 265 13.85 -17.68 1.36
N LEU B 266 14.45 -16.59 1.83
CA LEU B 266 15.00 -15.58 0.93
C LEU B 266 16.27 -16.09 0.25
N GLU B 267 16.13 -17.11 -0.59
CA GLU B 267 17.19 -17.61 -1.44
C GLU B 267 17.07 -16.98 -2.81
N ILE B 268 18.21 -16.68 -3.43
CA ILE B 268 18.22 -16.13 -4.77
C ILE B 268 18.23 -17.29 -5.76
N LEU B 269 17.27 -17.29 -6.68
CA LEU B 269 17.16 -18.32 -7.70
C LEU B 269 17.26 -17.67 -9.08
N ASP B 270 18.18 -18.15 -9.89
CA ASP B 270 18.38 -17.62 -11.23
C ASP B 270 17.41 -18.28 -12.20
N ILE B 271 16.87 -17.47 -13.11
CA ILE B 271 15.90 -17.91 -14.11
C ILE B 271 16.63 -18.09 -15.43
N THR B 272 16.51 -19.27 -16.04
CA THR B 272 17.02 -19.42 -17.40
C THR B 272 16.00 -20.17 -18.25
N PRO B 273 15.80 -19.74 -19.51
CA PRO B 273 14.79 -20.33 -20.38
C PRO B 273 15.14 -21.72 -20.91
N GLU C 1 25.58 -2.64 10.37
CA GLU C 1 24.17 -2.54 10.06
C GLU C 1 23.67 -1.11 10.22
N VAL C 2 22.36 -0.96 10.40
CA VAL C 2 21.76 0.36 10.54
C VAL C 2 22.26 0.96 11.84
N GLN C 3 23.00 2.07 11.75
CA GLN C 3 23.67 2.66 12.89
C GLN C 3 23.31 4.14 12.96
N LEU C 4 22.73 4.56 14.08
CA LEU C 4 22.27 5.92 14.31
C LEU C 4 23.00 6.46 15.54
N VAL C 5 23.91 7.40 15.35
CA VAL C 5 24.69 7.96 16.44
C VAL C 5 24.30 9.42 16.63
N GLU C 6 23.99 9.80 17.87
CA GLU C 6 23.46 11.12 18.16
C GLU C 6 24.50 11.96 18.89
N SER C 7 24.37 13.28 18.75
CA SER C 7 25.38 14.18 19.26
C SER C 7 24.76 15.55 19.52
N GLY C 8 25.42 16.31 20.39
CA GLY C 8 25.13 17.72 20.51
C GLY C 8 24.11 18.13 21.55
N GLY C 9 24.30 17.72 22.81
CA GLY C 9 23.38 18.08 23.86
C GLY C 9 24.10 18.29 25.17
N GLY C 10 23.38 18.86 26.12
CA GLY C 10 23.90 19.15 27.43
C GLY C 10 23.00 20.10 28.20
N LEU C 11 23.59 21.02 28.94
CA LEU C 11 22.82 21.99 29.69
C LEU C 11 22.46 23.18 28.81
N ALA C 12 21.39 23.87 29.19
CA ALA C 12 20.93 25.04 28.45
C ALA C 12 20.05 25.87 29.36
N LYS C 13 19.95 27.15 29.05
CA LYS C 13 19.20 28.04 29.92
C LYS C 13 17.86 28.42 29.29
N PRO C 14 16.81 28.52 30.12
CA PRO C 14 15.49 28.91 29.59
C PRO C 14 15.56 30.17 28.75
N GLY C 15 15.29 30.02 27.46
CA GLY C 15 15.55 31.07 26.49
C GLY C 15 16.77 30.84 25.63
N GLY C 16 17.40 29.66 25.73
CA GLY C 16 18.59 29.35 24.99
C GLY C 16 18.34 28.30 23.93
N SER C 17 19.34 28.16 23.06
CA SER C 17 19.24 27.32 21.87
C SER C 17 20.24 26.17 21.96
N LEU C 18 19.76 24.95 21.77
CA LEU C 18 20.61 23.80 21.55
C LEU C 18 20.41 23.28 20.13
N ARG C 19 21.31 22.39 19.71
CA ARG C 19 21.25 21.87 18.35
C ARG C 19 21.74 20.45 18.36
N LEU C 20 20.82 19.51 18.16
CA LEU C 20 21.18 18.10 18.12
C LEU C 20 21.66 17.71 16.74
N SER C 21 22.10 16.46 16.63
CA SER C 21 22.50 15.91 15.34
C SER C 21 22.46 14.40 15.43
N CYS C 22 22.28 13.77 14.28
CA CYS C 22 22.08 12.32 14.19
C CYS C 22 22.73 11.84 12.90
N ALA C 23 23.86 11.18 13.02
CA ALA C 23 24.57 10.62 11.89
C ALA C 23 24.11 9.20 11.66
N ALA C 24 23.64 8.91 10.46
CA ALA C 24 23.12 7.61 10.08
C ALA C 24 24.08 6.93 9.13
N SER C 25 24.13 5.60 9.21
CA SER C 25 25.03 4.85 8.36
C SER C 25 24.53 3.41 8.23
N GLY C 26 24.47 2.90 7.01
CA GLY C 26 24.00 1.56 6.77
C GLY C 26 22.71 1.44 6.00
N PHE C 27 22.17 2.54 5.47
CA PHE C 27 20.95 2.49 4.67
C PHE C 27 20.91 3.70 3.77
N THR C 28 19.95 3.70 2.84
CA THR C 28 19.77 4.80 1.89
C THR C 28 19.09 5.95 2.61
N PHE C 29 19.89 6.73 3.34
CA PHE C 29 19.34 7.79 4.19
C PHE C 29 18.53 8.79 3.39
N SER C 30 18.89 9.01 2.13
CA SER C 30 18.16 9.93 1.27
C SER C 30 16.81 9.37 0.83
N SER C 31 16.38 8.25 1.41
CA SER C 31 15.15 7.59 1.02
C SER C 31 14.12 7.54 2.13
N TYR C 32 14.53 7.22 3.35
CA TYR C 32 13.59 6.94 4.42
C TYR C 32 13.15 8.21 5.14
N TRP C 33 12.20 8.06 6.06
CA TRP C 33 11.68 9.16 6.86
C TRP C 33 12.22 9.07 8.28
N MET C 34 12.59 10.21 8.84
CA MET C 34 13.28 10.24 10.11
C MET C 34 12.46 10.99 11.16
N ASN C 35 12.57 10.54 12.41
CA ASN C 35 11.78 11.04 13.52
C ASN C 35 12.68 11.38 14.71
N TRP C 36 12.22 12.35 15.48
CA TRP C 36 12.82 12.73 16.75
C TRP C 36 11.83 12.39 17.85
N VAL C 37 12.28 11.59 18.83
CA VAL C 37 11.50 11.22 20.00
C VAL C 37 12.27 11.71 21.23
N ARG C 38 11.55 11.92 22.33
CA ARG C 38 12.19 12.27 23.59
C ARG C 38 11.55 11.49 24.73
N GLN C 39 12.29 11.43 25.84
CA GLN C 39 11.88 10.68 27.02
C GLN C 39 12.32 11.43 28.27
N ALA C 40 11.36 11.93 29.03
CA ALA C 40 11.64 12.60 30.28
C ALA C 40 12.17 11.59 31.29
N PRO C 41 12.82 12.06 32.36
CA PRO C 41 13.33 11.12 33.37
C PRO C 41 12.23 10.30 34.03
N GLY C 42 12.25 9.00 33.76
CA GLY C 42 11.33 8.07 34.40
C GLY C 42 9.89 8.14 33.94
N LYS C 43 9.51 9.13 33.13
CA LYS C 43 8.11 9.35 32.77
C LYS C 43 7.93 9.36 31.26
N GLY C 44 7.77 8.16 30.68
CA GLY C 44 7.21 8.02 29.35
C GLY C 44 8.01 8.53 28.16
N LEU C 45 7.70 7.99 26.99
CA LEU C 45 8.25 8.45 25.73
C LEU C 45 7.31 9.47 25.10
N GLU C 46 7.87 10.37 24.30
CA GLU C 46 7.07 11.39 23.65
C GLU C 46 7.64 11.70 22.28
N TRP C 47 6.78 11.65 21.27
CA TRP C 47 7.18 11.89 19.90
C TRP C 47 7.27 13.38 19.63
N VAL C 48 8.30 13.78 18.88
CA VAL C 48 8.61 15.19 18.75
C VAL C 48 8.50 15.68 17.30
N SER C 49 9.10 14.96 16.35
CA SER C 49 9.07 15.50 14.99
C SER C 49 9.29 14.41 13.95
N VAL C 50 8.92 14.73 12.70
CA VAL C 50 9.12 13.87 11.54
C VAL C 50 9.57 14.74 10.37
N ILE C 51 10.38 14.15 9.47
CA ILE C 51 10.90 14.84 8.30
C ILE C 51 10.70 13.96 7.08
N ASN C 52 10.75 14.58 5.90
CA ASN C 52 10.58 13.89 4.63
C ASN C 52 11.86 13.14 4.29
N SER C 53 11.92 12.63 3.06
CA SER C 53 13.16 12.23 2.44
C SER C 53 13.70 13.29 1.50
N GLY C 54 13.13 14.49 1.52
CA GLY C 54 13.62 15.58 0.70
C GLY C 54 13.55 16.93 1.41
N GLY C 55 13.22 16.92 2.69
CA GLY C 55 13.31 18.11 3.51
C GLY C 55 12.41 19.26 3.10
N ASP C 56 11.11 19.02 2.96
CA ASP C 56 10.17 20.06 2.60
C ASP C 56 8.93 20.14 3.48
N ASN C 57 8.52 19.05 4.12
CA ASN C 57 7.37 19.05 5.01
C ASN C 57 7.79 18.41 6.32
N ALA C 58 7.98 19.22 7.35
CA ALA C 58 8.28 18.75 8.70
C ALA C 58 7.04 18.91 9.56
N TYR C 59 6.66 17.84 10.26
CA TYR C 59 5.47 17.82 11.10
C TYR C 59 5.89 17.66 12.55
N TYR C 60 5.52 18.63 13.38
CA TYR C 60 5.92 18.68 14.78
C TYR C 60 4.78 18.25 15.69
N ALA C 61 5.11 18.06 16.95
CA ALA C 61 4.10 17.79 17.97
C ALA C 61 3.68 19.10 18.63
N ASP C 62 2.48 19.10 19.20
CA ASP C 62 1.89 20.33 19.70
C ASP C 62 2.61 20.88 20.93
N SER C 63 3.51 20.11 21.54
CA SER C 63 4.28 20.60 22.68
C SER C 63 5.56 21.30 22.28
N VAL C 64 6.04 21.09 21.06
CA VAL C 64 7.23 21.74 20.55
C VAL C 64 6.97 22.53 19.27
N LYS C 65 5.77 22.46 18.72
CA LYS C 65 5.48 23.11 17.45
C LYS C 65 5.57 24.62 17.60
N GLY C 66 6.62 25.20 17.04
CA GLY C 66 6.86 26.62 17.09
C GLY C 66 8.21 27.00 17.61
N ARG C 67 8.85 26.13 18.40
CA ARG C 67 10.18 26.38 18.92
C ARG C 67 11.26 25.53 18.28
N PHE C 68 10.91 24.34 17.79
CA PHE C 68 11.87 23.41 17.21
C PHE C 68 11.88 23.54 15.69
N THR C 69 12.94 23.03 15.07
CA THR C 69 13.03 22.99 13.62
C THR C 69 13.90 21.82 13.20
N THR C 70 13.31 20.90 12.44
CA THR C 70 13.99 19.69 11.99
C THR C 70 14.54 19.89 10.59
N SER C 71 15.69 19.28 10.31
CA SER C 71 16.30 19.35 9.00
C SER C 71 17.10 18.08 8.74
N ARG C 72 17.45 17.86 7.48
CA ARG C 72 18.25 16.72 7.10
C ARG C 72 19.06 17.09 5.87
N ASP C 73 20.31 16.63 5.83
CA ASP C 73 21.19 16.85 4.68
C ASP C 73 21.38 15.51 3.97
N ASN C 74 20.97 15.44 2.72
CA ASN C 74 21.14 14.22 1.94
C ASN C 74 22.54 14.08 1.37
N SER C 75 23.28 15.18 1.26
CA SER C 75 24.69 15.09 0.87
C SER C 75 25.46 14.23 1.86
N LYS C 76 25.51 14.66 3.11
CA LYS C 76 25.94 13.81 4.22
C LYS C 76 24.76 12.93 4.61
N SER C 77 24.81 12.33 5.79
CA SER C 77 23.68 11.55 6.27
C SER C 77 23.24 12.06 7.64
N THR C 78 23.11 13.37 7.77
CA THR C 78 22.91 14.02 9.06
C THR C 78 21.49 14.56 9.19
N LEU C 79 20.79 14.06 10.21
CA LEU C 79 19.54 14.66 10.67
C LEU C 79 19.86 15.64 11.79
N SER C 80 19.00 16.65 11.94
CA SER C 80 19.29 17.74 12.86
C SER C 80 18.00 18.30 13.43
N LEU C 81 18.09 18.76 14.67
CA LEU C 81 16.98 19.41 15.35
C LEU C 81 17.51 20.64 16.06
N GLN C 82 17.03 21.81 15.67
CA GLN C 82 17.37 23.06 16.33
C GLN C 82 16.30 23.38 17.37
N MET C 83 16.70 23.52 18.63
CA MET C 83 15.80 23.75 19.74
C MET C 83 16.02 25.17 20.26
N ASN C 84 15.14 26.08 19.87
CA ASN C 84 15.14 27.44 20.39
C ASN C 84 14.10 27.56 21.50
N SER C 85 14.33 28.49 22.42
CA SER C 85 13.39 28.81 23.49
C SER C 85 13.07 27.57 24.34
N LEU C 86 14.10 27.06 24.99
CA LEU C 86 13.94 25.87 25.82
C LEU C 86 13.27 26.22 27.14
N ARG C 87 12.47 25.27 27.65
CA ARG C 87 11.85 25.36 28.95
C ARG C 87 12.33 24.22 29.83
N GLU C 88 11.93 24.26 31.10
CA GLU C 88 12.34 23.21 32.03
C GLU C 88 11.73 21.86 31.70
N GLU C 89 10.57 21.84 31.05
CA GLU C 89 9.92 20.59 30.66
C GLU C 89 10.57 19.94 29.45
N ASP C 90 11.65 20.52 28.93
CA ASP C 90 12.37 19.98 27.79
C ASP C 90 13.56 19.11 28.20
N THR C 91 13.61 18.67 29.45
CA THR C 91 14.72 17.87 29.94
C THR C 91 14.43 16.41 29.66
N ALA C 92 15.18 15.83 28.72
CA ALA C 92 14.85 14.48 28.28
C ALA C 92 16.02 13.89 27.51
N VAL C 93 15.98 12.59 27.34
CA VAL C 93 16.85 11.89 26.41
C VAL C 93 16.19 11.95 25.04
N TYR C 94 16.93 12.40 24.04
CA TYR C 94 16.42 12.59 22.70
C TYR C 94 16.98 11.49 21.80
N TYR C 95 16.09 10.70 21.23
CA TYR C 95 16.43 9.62 20.33
C TYR C 95 16.07 9.98 18.89
N CYS C 96 16.80 9.38 17.96
CA CYS C 96 16.65 9.60 16.53
C CYS C 96 16.22 8.28 15.92
N ALA C 97 14.96 8.20 15.51
CA ALA C 97 14.35 6.96 15.07
C ALA C 97 14.12 6.97 13.56
N LYS C 98 14.20 5.80 12.96
CA LYS C 98 14.01 5.64 11.53
C LYS C 98 12.63 5.04 11.25
N ASP C 99 11.99 5.52 10.20
CA ASP C 99 10.76 4.88 9.75
C ASP C 99 11.08 3.52 9.16
N ARG C 100 10.15 2.59 9.35
CA ARG C 100 10.37 1.21 8.92
C ARG C 100 10.01 1.00 7.46
N ASN C 101 9.12 1.80 6.90
CA ASN C 101 8.52 1.53 5.60
C ASN C 101 8.89 2.61 4.60
N LEU C 102 8.88 2.22 3.33
CA LEU C 102 9.24 3.10 2.23
C LEU C 102 7.99 3.73 1.65
N TYR C 103 8.08 5.03 1.35
CA TYR C 103 6.95 5.79 0.86
C TYR C 103 7.24 6.28 -0.55
N TYR C 104 6.23 6.19 -1.41
CA TYR C 104 6.42 6.39 -2.83
C TYR C 104 6.35 7.85 -3.25
N TYR C 105 5.65 8.69 -2.50
CA TYR C 105 5.36 10.04 -2.97
C TYR C 105 6.17 11.12 -2.30
N ASP C 106 6.55 10.96 -1.04
CA ASP C 106 7.56 11.80 -0.40
C ASP C 106 7.09 13.23 -0.19
N SER C 107 5.94 13.58 -0.76
CA SER C 107 5.30 14.85 -0.48
C SER C 107 3.82 14.64 -0.18
N GLY C 108 3.41 13.40 0.03
CA GLY C 108 2.06 13.08 0.43
C GLY C 108 2.01 12.78 1.92
N TYR C 109 0.79 12.57 2.39
CA TYR C 109 0.51 12.39 3.81
C TYR C 109 0.44 10.91 4.14
N TYR C 110 1.23 10.47 5.11
CA TYR C 110 1.22 9.09 5.58
C TYR C 110 1.07 9.10 7.09
N THR C 111 0.37 8.10 7.62
CA THR C 111 -0.09 8.15 9.00
C THR C 111 0.72 7.32 9.98
N GLU C 112 0.76 6.01 9.81
CA GLU C 112 1.10 5.10 10.90
C GLU C 112 2.60 4.83 10.88
N PHE C 113 3.34 5.60 11.66
CA PHE C 113 4.80 5.50 11.71
C PHE C 113 5.23 4.39 12.66
N SER C 114 6.27 3.66 12.28
CA SER C 114 6.88 2.65 13.11
C SER C 114 8.39 2.81 13.07
N PHE C 115 9.03 2.67 14.22
CA PHE C 115 10.46 2.95 14.37
C PHE C 115 11.20 1.64 14.58
N ASP C 116 11.98 1.23 13.59
CA ASP C 116 12.67 -0.04 13.67
C ASP C 116 14.04 0.10 14.32
N TYR C 117 14.76 1.16 14.00
CA TYR C 117 16.10 1.39 14.52
C TYR C 117 16.15 2.74 15.22
N TRP C 118 16.72 2.76 16.42
CA TRP C 118 16.90 3.95 17.23
C TRP C 118 18.38 4.21 17.43
N GLY C 119 18.63 5.27 18.17
CA GLY C 119 20.01 5.63 18.52
C GLY C 119 20.20 5.67 20.00
N GLN C 120 21.44 5.86 20.46
CA GLN C 120 21.75 5.80 21.89
C GLN C 120 20.89 6.79 22.66
N GLY C 121 21.03 8.06 22.34
CA GLY C 121 20.21 9.08 22.97
C GLY C 121 21.11 10.18 23.46
N VAL C 122 20.76 11.40 23.16
CA VAL C 122 21.52 12.48 23.75
C VAL C 122 20.69 13.12 24.86
N LEU C 123 21.28 13.26 26.03
CA LEU C 123 20.58 13.89 27.14
C LEU C 123 20.64 15.40 27.00
N VAL C 124 19.49 16.05 27.12
CA VAL C 124 19.41 17.51 27.14
C VAL C 124 18.72 17.92 28.43
N THR C 125 19.40 18.71 29.24
CA THR C 125 18.88 19.20 30.50
C THR C 125 18.77 20.71 30.48
N VAL C 126 17.64 21.22 30.94
CA VAL C 126 17.40 22.66 31.00
C VAL C 126 17.31 23.05 32.46
N SER C 127 18.27 23.88 32.91
CA SER C 127 18.32 24.34 34.29
C SER C 127 19.06 25.66 34.31
N SER C 128 19.42 26.11 35.51
CA SER C 128 20.17 27.35 35.67
C SER C 128 21.54 27.08 36.27
N SER D 2 -7.04 10.98 23.45
CA SER D 2 -5.67 11.30 23.08
C SER D 2 -4.70 10.87 24.16
N VAL D 3 -5.12 9.91 24.98
CA VAL D 3 -4.30 9.37 26.05
C VAL D 3 -4.42 7.84 26.01
N LEU D 4 -3.31 7.16 26.20
CA LEU D 4 -3.27 5.70 26.26
C LEU D 4 -2.91 5.26 27.68
N THR D 5 -3.42 4.10 28.07
CA THR D 5 -3.36 3.63 29.44
C THR D 5 -2.73 2.25 29.48
N GLN D 6 -1.58 2.14 30.15
CA GLN D 6 -0.99 0.87 30.45
C GLN D 6 -0.55 0.83 31.91
N PRO D 7 -0.59 -0.34 32.54
CA PRO D 7 -0.27 -0.43 33.97
C PRO D 7 1.16 -0.01 34.24
N PRO D 8 1.39 0.70 35.35
CA PRO D 8 2.76 1.14 35.64
C PRO D 8 3.67 0.04 36.13
N SER D 9 3.13 -1.08 36.60
CA SER D 9 3.95 -2.15 37.15
C SER D 9 3.23 -3.48 36.99
N VAL D 10 3.88 -4.44 36.36
CA VAL D 10 3.33 -5.78 36.18
C VAL D 10 4.36 -6.79 36.66
N SER D 11 3.89 -7.84 37.31
CA SER D 11 4.75 -8.82 37.96
C SER D 11 4.46 -10.22 37.44
N GLY D 12 5.27 -11.17 37.89
CA GLY D 12 5.11 -12.56 37.50
C GLY D 12 6.18 -13.47 38.04
N ASP D 13 5.81 -14.68 38.42
CA ASP D 13 6.76 -15.68 38.84
C ASP D 13 7.46 -16.29 37.63
N PRO D 14 8.71 -16.72 37.78
CA PRO D 14 9.44 -17.28 36.63
C PRO D 14 8.77 -18.55 36.12
N GLY D 15 8.98 -18.83 34.85
CA GLY D 15 8.41 -19.99 34.19
C GLY D 15 7.01 -19.77 33.65
N GLN D 16 6.18 -19.02 34.38
CA GLN D 16 4.83 -18.72 33.95
C GLN D 16 4.85 -17.60 32.92
N SER D 17 3.68 -17.04 32.62
CA SER D 17 3.54 -16.02 31.60
C SER D 17 2.98 -14.74 32.21
N VAL D 18 3.13 -13.65 31.47
CA VAL D 18 2.69 -12.34 31.92
C VAL D 18 2.00 -11.60 30.78
N THR D 19 1.14 -10.66 31.13
CA THR D 19 0.34 -9.92 30.15
C THR D 19 0.30 -8.44 30.50
N ILE D 20 0.50 -7.59 29.49
CA ILE D 20 0.50 -6.14 29.63
C ILE D 20 -0.58 -5.58 28.73
N SER D 21 -1.34 -4.62 29.24
CA SER D 21 -2.49 -4.08 28.54
C SER D 21 -2.25 -2.65 28.08
N CYS D 22 -3.09 -2.22 27.14
CA CYS D 22 -3.04 -0.86 26.61
C CYS D 22 -4.42 -0.51 26.08
N THR D 23 -5.16 0.31 26.83
CA THR D 23 -6.53 0.68 26.47
C THR D 23 -6.54 2.10 25.93
N GLY D 24 -7.16 2.28 24.76
CA GLY D 24 -7.22 3.57 24.12
C GLY D 24 -8.60 4.06 23.78
N SER D 25 -8.83 4.34 22.51
CA SER D 25 -10.07 4.92 22.02
C SER D 25 -10.32 4.40 20.61
N SER D 26 -11.17 5.08 19.86
CA SER D 26 -11.43 4.67 18.48
C SER D 26 -10.59 5.45 17.48
N SER D 27 -10.14 6.65 17.85
CA SER D 27 -9.14 7.39 17.08
C SER D 27 -7.73 6.96 17.43
N ASN D 28 -7.59 5.76 17.99
CA ASN D 28 -6.43 5.27 18.70
C ASN D 28 -6.36 3.77 18.52
N ILE D 29 -5.81 3.08 19.53
CA ILE D 29 -5.65 1.63 19.52
C ILE D 29 -6.83 0.94 18.83
N GLY D 30 -8.05 1.40 19.12
CA GLY D 30 -9.23 0.75 18.57
C GLY D 30 -9.25 0.69 17.06
N GLY D 31 -8.68 1.70 16.38
CA GLY D 31 -8.83 1.77 14.94
C GLY D 31 -7.59 2.11 14.15
N TYR D 32 -6.41 1.81 14.69
CA TYR D 32 -5.15 1.96 13.95
C TYR D 32 -4.15 0.96 14.49
N TYR D 33 -2.93 1.02 13.96
CA TYR D 33 -1.91 0.05 14.34
C TYR D 33 -1.23 0.45 15.65
N VAL D 34 -0.89 -0.56 16.44
CA VAL D 34 -0.28 -0.38 17.76
C VAL D 34 1.06 -1.10 17.78
N ASN D 35 2.10 -0.41 18.22
CA ASN D 35 3.42 -0.97 18.36
C ASN D 35 3.78 -1.15 19.83
N TRP D 36 4.71 -2.06 20.08
CA TRP D 36 5.29 -2.26 21.40
C TRP D 36 6.81 -2.22 21.31
N TYR D 37 7.40 -1.42 22.20
CA TYR D 37 8.85 -1.26 22.28
C TYR D 37 9.35 -1.75 23.62
N GLN D 38 10.59 -2.24 23.64
CA GLN D 38 11.23 -2.76 24.83
C GLN D 38 12.46 -1.92 25.16
N GLN D 39 12.56 -1.47 26.41
CA GLN D 39 13.69 -0.62 26.82
C GLN D 39 14.23 -1.13 28.15
N PHE D 40 15.48 -1.56 28.16
CA PHE D 40 16.16 -1.89 29.39
C PHE D 40 16.60 -0.61 30.09
N PRO D 41 16.88 -0.68 31.39
CA PRO D 41 17.27 0.54 32.12
C PRO D 41 18.52 1.19 31.53
N GLY D 42 18.38 2.46 31.17
CA GLY D 42 19.49 3.23 30.68
C GLY D 42 19.88 2.95 29.25
N THR D 43 18.96 2.45 28.43
CA THR D 43 19.24 2.10 27.05
C THR D 43 18.17 2.70 26.14
N ALA D 44 18.28 2.40 24.86
CA ALA D 44 17.30 2.86 23.89
C ALA D 44 16.23 1.80 23.66
N PRO D 45 15.05 2.21 23.20
CA PRO D 45 14.01 1.24 22.88
C PRO D 45 14.41 0.34 21.71
N LYS D 46 13.65 -0.74 21.57
CA LYS D 46 13.87 -1.72 20.52
C LYS D 46 12.51 -2.24 20.05
N LEU D 47 12.28 -2.21 18.75
CA LEU D 47 10.98 -2.55 18.20
C LEU D 47 10.66 -4.01 18.50
N LEU D 48 9.73 -4.23 19.43
CA LEU D 48 9.40 -5.58 19.87
C LEU D 48 8.24 -6.16 19.08
N ILE D 49 7.17 -5.39 18.89
CA ILE D 49 6.02 -5.80 18.08
C ILE D 49 5.58 -4.63 17.23
N TYR D 50 5.31 -4.87 15.95
CA TYR D 50 4.81 -3.83 15.07
C TYR D 50 3.58 -4.32 14.34
N ASP D 51 2.67 -3.37 14.08
CA ASP D 51 1.39 -3.67 13.43
C ASP D 51 0.63 -4.76 14.16
N ASP D 52 0.68 -4.70 15.49
CA ASP D 52 -0.19 -5.39 16.43
C ASP D 52 0.07 -6.88 16.63
N ASN D 53 0.81 -7.52 15.74
CA ASN D 53 1.01 -8.96 15.91
C ASN D 53 2.40 -9.44 15.49
N ASN D 54 3.15 -8.59 14.79
CA ASN D 54 4.32 -9.04 14.05
C ASN D 54 5.58 -9.01 14.92
N ARG D 55 6.32 -10.11 14.88
CA ARG D 55 7.61 -10.20 15.56
C ARG D 55 8.72 -10.05 14.55
N PRO D 56 9.51 -8.99 14.57
CA PRO D 56 10.61 -8.87 13.61
C PRO D 56 11.63 -9.99 13.80
N SER D 57 12.48 -10.16 12.80
CA SER D 57 13.41 -11.28 12.77
C SER D 57 14.32 -11.34 13.99
N GLY D 58 14.52 -10.23 14.70
CA GLY D 58 15.42 -10.23 15.82
C GLY D 58 14.75 -10.26 17.18
N VAL D 59 13.56 -10.85 17.28
CA VAL D 59 12.79 -10.87 18.51
C VAL D 59 12.36 -12.31 18.80
N SER D 60 12.29 -12.64 20.08
CA SER D 60 11.98 -14.00 20.50
C SER D 60 10.52 -14.32 20.30
N ASP D 61 10.25 -15.58 19.94
CA ASP D 61 8.89 -16.02 19.65
C ASP D 61 8.00 -16.03 20.88
N ARG D 62 8.55 -15.84 22.07
CA ARG D 62 7.76 -15.81 23.29
C ARG D 62 7.17 -14.43 23.57
N PHE D 63 7.25 -13.51 22.61
CA PHE D 63 6.70 -12.16 22.72
C PHE D 63 5.53 -12.05 21.76
N SER D 64 4.32 -12.26 22.23
CA SER D 64 3.14 -12.23 21.38
C SER D 64 2.38 -10.93 21.58
N GLY D 65 1.81 -10.41 20.50
CA GLY D 65 0.94 -9.25 20.56
C GLY D 65 -0.46 -9.63 20.10
N SER D 66 -1.44 -8.91 20.62
CA SER D 66 -2.83 -9.18 20.26
C SER D 66 -3.67 -7.95 20.54
N LYS D 67 -4.20 -7.33 19.50
CA LYS D 67 -5.11 -6.21 19.63
C LYS D 67 -6.54 -6.71 19.36
N SER D 68 -7.46 -6.34 20.24
CA SER D 68 -8.86 -6.77 20.10
C SER D 68 -9.75 -5.62 20.55
N GLY D 69 -10.30 -4.89 19.60
CA GLY D 69 -11.18 -3.77 19.91
C GLY D 69 -10.42 -2.55 20.35
N THR D 70 -10.88 -1.89 21.40
CA THR D 70 -10.24 -0.70 21.92
C THR D 70 -9.08 -0.99 22.86
N SER D 71 -8.61 -2.24 22.91
CA SER D 71 -7.55 -2.63 23.81
C SER D 71 -6.53 -3.49 23.07
N ALA D 72 -5.29 -3.44 23.57
CA ALA D 72 -4.18 -4.21 23.05
C ALA D 72 -3.48 -4.90 24.19
N SER D 73 -2.79 -6.00 23.89
CA SER D 73 -2.10 -6.74 24.93
C SER D 73 -0.83 -7.35 24.36
N LEU D 74 0.18 -7.44 25.24
CA LEU D 74 1.46 -8.06 24.93
C LEU D 74 1.72 -9.13 25.98
N THR D 75 1.88 -10.36 25.53
CA THR D 75 2.02 -11.52 26.41
C THR D 75 3.42 -12.11 26.26
N ILE D 76 4.06 -12.36 27.39
CA ILE D 76 5.38 -12.95 27.45
C ILE D 76 5.21 -14.34 28.04
N THR D 77 5.49 -15.36 27.23
CA THR D 77 5.30 -16.75 27.65
C THR D 77 6.67 -17.33 27.99
N GLY D 78 6.95 -17.43 29.29
CA GLY D 78 8.26 -17.85 29.74
C GLY D 78 9.07 -16.65 30.18
N LEU D 79 9.13 -16.43 31.50
CA LEU D 79 9.73 -15.23 32.06
C LEU D 79 11.18 -15.51 32.44
N GLN D 80 12.02 -15.66 31.41
CA GLN D 80 13.45 -15.66 31.65
C GLN D 80 13.83 -14.34 32.30
N PRO D 81 14.46 -14.35 33.48
CA PRO D 81 14.62 -13.12 34.25
C PRO D 81 15.46 -12.05 33.56
N GLY D 82 15.93 -12.33 32.35
CA GLY D 82 16.72 -11.37 31.62
C GLY D 82 15.91 -10.43 30.75
N ASP D 83 14.61 -10.31 31.03
CA ASP D 83 13.76 -9.39 30.30
C ASP D 83 12.97 -8.48 31.23
N GLU D 84 13.52 -8.16 32.39
CA GLU D 84 12.93 -7.14 33.25
C GLU D 84 13.32 -5.78 32.67
N ALA D 85 12.46 -5.27 31.79
CA ALA D 85 12.66 -3.98 31.15
C ALA D 85 11.29 -3.39 30.90
N ASP D 86 11.23 -2.07 30.72
CA ASP D 86 9.93 -1.46 30.57
C ASP D 86 9.43 -1.58 29.14
N TYR D 87 8.13 -1.78 29.00
CA TYR D 87 7.49 -2.07 27.73
C TYR D 87 6.53 -0.95 27.39
N HIS D 88 6.79 -0.27 26.29
CA HIS D 88 6.05 0.92 25.89
C HIS D 88 5.06 0.58 24.78
N CYS D 89 3.89 1.20 24.85
CA CYS D 89 2.80 1.00 23.90
C CYS D 89 2.65 2.27 23.06
N SER D 90 2.53 2.09 21.75
CA SER D 90 2.49 3.19 20.82
C SER D 90 1.33 3.01 19.86
N GLY D 91 0.82 4.13 19.37
CA GLY D 91 -0.30 4.12 18.45
C GLY D 91 -0.36 5.40 17.64
N TRP D 92 -1.47 5.62 16.95
CA TRP D 92 -1.63 6.76 16.06
C TRP D 92 -2.96 7.43 16.36
N ASP D 93 -2.91 8.66 16.83
CA ASP D 93 -4.11 9.42 17.13
C ASP D 93 -4.53 10.17 15.87
N SER D 94 -5.62 9.71 15.25
CA SER D 94 -6.11 10.33 14.03
C SER D 94 -6.62 11.75 14.26
N SER D 95 -6.88 12.14 15.51
CA SER D 95 -7.40 13.47 15.78
C SER D 95 -6.27 14.50 15.80
N LEU D 96 -5.16 14.17 16.43
CA LEU D 96 -4.00 15.06 16.50
C LEU D 96 -2.96 14.77 15.43
N SER D 97 -3.07 13.64 14.74
CA SER D 97 -2.14 13.25 13.67
C SER D 97 -0.70 13.19 14.19
N ALA D 98 -0.49 12.29 15.15
CA ALA D 98 0.81 12.11 15.76
C ALA D 98 0.87 10.73 16.39
N VAL D 99 2.07 10.34 16.78
CA VAL D 99 2.31 9.03 17.37
C VAL D 99 2.15 9.15 18.88
N LEU D 100 1.35 8.26 19.46
CA LEU D 100 1.10 8.27 20.89
C LEU D 100 2.06 7.35 21.61
N PHE D 101 2.10 7.49 22.92
CA PHE D 101 2.95 6.66 23.76
C PHE D 101 2.31 6.58 25.14
N GLY D 102 2.42 5.42 25.77
CA GLY D 102 1.91 5.22 27.10
C GLY D 102 2.95 5.57 28.15
N ARG D 103 2.68 5.10 29.37
CA ARG D 103 3.57 5.39 30.50
C ARG D 103 4.64 4.32 30.69
N GLY D 104 4.54 3.19 29.99
CA GLY D 104 5.49 2.12 30.17
C GLY D 104 5.16 1.25 31.36
N THR D 105 5.48 -0.04 31.27
CA THR D 105 5.18 -0.98 32.34
C THR D 105 6.47 -1.62 32.81
N ARG D 106 6.80 -1.43 34.08
CA ARG D 106 7.98 -2.03 34.68
C ARG D 106 7.69 -3.50 34.95
N LEU D 107 8.35 -4.38 34.20
CA LEU D 107 8.18 -5.81 34.42
C LEU D 107 9.08 -6.26 35.56
N THR D 108 8.50 -6.99 36.51
CA THR D 108 9.24 -7.49 37.67
C THR D 108 9.06 -9.00 37.77
N VAL D 109 10.17 -9.71 37.96
CA VAL D 109 10.16 -11.15 38.17
C VAL D 109 10.43 -11.42 39.64
N LEU D 110 9.87 -12.51 40.16
CA LEU D 110 9.93 -12.79 41.60
C LEU D 110 10.90 -13.92 41.94
N VAL E 2 35.81 -36.47 -5.82
CA VAL E 2 35.74 -35.57 -6.97
C VAL E 2 37.08 -35.45 -7.65
N GLN E 3 37.14 -35.86 -8.91
CA GLN E 3 38.33 -35.71 -9.73
C GLN E 3 38.02 -34.82 -10.93
N LEU E 4 38.95 -33.95 -11.27
CA LEU E 4 38.83 -33.03 -12.39
C LEU E 4 40.11 -33.01 -13.21
N MET E 5 40.60 -34.21 -13.56
CA MET E 5 41.84 -34.37 -14.32
C MET E 5 41.85 -33.54 -15.60
N GLU E 6 43.03 -33.22 -16.11
CA GLU E 6 43.17 -32.44 -17.33
C GLU E 6 44.05 -33.19 -18.32
N SER E 7 44.31 -32.54 -19.45
CA SER E 7 45.18 -33.05 -20.50
C SER E 7 45.38 -31.96 -21.53
N GLY E 8 46.56 -31.95 -22.14
CA GLY E 8 46.83 -31.01 -23.22
C GLY E 8 48.02 -30.11 -22.97
N GLY E 9 48.82 -30.44 -21.96
CA GLY E 9 49.95 -29.60 -21.62
C GLY E 9 51.06 -29.72 -22.64
N GLY E 10 51.77 -28.61 -22.86
CA GLY E 10 52.86 -28.60 -23.80
C GLY E 10 53.07 -27.22 -24.38
N VAL E 11 54.12 -27.12 -25.18
CA VAL E 11 54.54 -25.82 -25.70
C VAL E 11 53.73 -25.48 -26.95
N VAL E 12 53.77 -24.20 -27.31
CA VAL E 12 53.14 -23.65 -28.51
C VAL E 12 53.99 -22.47 -28.95
N GLN E 13 53.65 -21.91 -30.10
CA GLN E 13 54.40 -20.77 -30.62
C GLN E 13 53.52 -19.53 -30.66
N PRO E 14 54.11 -18.34 -30.77
CA PRO E 14 53.29 -17.12 -30.92
C PRO E 14 52.36 -17.22 -32.10
N GLY E 15 51.12 -16.75 -31.90
CA GLY E 15 50.09 -16.95 -32.88
C GLY E 15 49.71 -18.39 -33.08
N GLY E 16 50.04 -19.26 -32.13
CA GLY E 16 49.80 -20.68 -32.26
C GLY E 16 48.37 -21.07 -31.94
N SER E 17 48.20 -22.29 -31.43
CA SER E 17 46.89 -22.79 -31.09
C SER E 17 47.04 -23.99 -30.17
N LEU E 18 46.06 -24.21 -29.31
CA LEU E 18 46.10 -25.33 -28.39
C LEU E 18 44.69 -25.61 -27.88
N ARG E 19 44.54 -26.79 -27.28
CA ARG E 19 43.25 -27.24 -26.78
C ARG E 19 43.45 -28.11 -25.54
N LEU E 20 42.65 -27.83 -24.52
CA LEU E 20 42.71 -28.54 -23.24
C LEU E 20 41.39 -29.21 -22.97
N SER E 21 41.45 -30.38 -22.33
CA SER E 21 40.31 -31.30 -22.22
C SER E 21 40.29 -31.90 -20.83
N CYS E 22 39.41 -31.36 -19.99
CA CYS E 22 39.30 -31.72 -18.58
C CYS E 22 38.22 -32.77 -18.40
N ALA E 23 38.54 -33.84 -17.69
CA ALA E 23 37.57 -34.88 -17.39
C ALA E 23 36.86 -34.56 -16.08
N ALA E 24 36.07 -35.50 -15.57
CA ALA E 24 35.38 -35.32 -14.30
C ALA E 24 34.99 -36.69 -13.77
N SER E 25 34.57 -36.71 -12.51
CA SER E 25 34.19 -37.95 -11.83
C SER E 25 33.62 -37.60 -10.46
N GLY E 26 32.78 -38.51 -9.95
CA GLY E 26 32.30 -38.42 -8.60
C GLY E 26 31.09 -37.54 -8.38
N PHE E 27 30.62 -36.85 -9.42
CA PHE E 27 29.48 -35.95 -9.27
C PHE E 27 28.71 -35.90 -10.58
N THR E 28 27.43 -35.55 -10.46
CA THR E 28 26.60 -35.34 -11.65
C THR E 28 27.16 -34.15 -12.43
N PHE E 29 27.59 -34.40 -13.66
CA PHE E 29 28.41 -33.42 -14.35
C PHE E 29 27.61 -32.29 -14.98
N GLY E 30 26.39 -32.56 -15.44
CA GLY E 30 25.66 -31.53 -16.15
C GLY E 30 24.97 -30.50 -15.29
N ASP E 31 24.97 -30.70 -13.98
CA ASP E 31 24.25 -29.83 -13.05
C ASP E 31 25.02 -28.57 -12.69
N TYR E 32 26.29 -28.46 -13.09
CA TYR E 32 27.15 -27.43 -12.56
C TYR E 32 27.81 -26.66 -13.68
N ALA E 33 28.38 -25.53 -13.34
CA ALA E 33 29.10 -24.69 -14.30
C ALA E 33 30.59 -25.02 -14.22
N LEU E 34 31.31 -24.62 -15.26
CA LEU E 34 32.73 -24.91 -15.30
C LEU E 34 33.49 -23.70 -15.80
N HIS E 35 34.66 -23.46 -15.20
CA HIS E 35 35.49 -22.31 -15.51
C HIS E 35 36.93 -22.73 -15.74
N TRP E 36 37.68 -21.84 -16.39
CA TRP E 36 39.12 -21.97 -16.56
C TRP E 36 39.80 -20.84 -15.81
N VAL E 37 40.75 -21.18 -14.94
CA VAL E 37 41.49 -20.19 -14.18
C VAL E 37 42.98 -20.48 -14.34
N ARG E 38 43.74 -19.49 -14.78
CA ARG E 38 45.16 -19.68 -15.01
C ARG E 38 46.00 -18.92 -13.99
N GLN E 39 47.17 -19.48 -13.71
CA GLN E 39 48.10 -18.95 -12.72
C GLN E 39 49.47 -18.88 -13.37
N ALA E 40 49.86 -17.68 -13.78
CA ALA E 40 51.21 -17.48 -14.28
C ALA E 40 52.20 -17.91 -13.21
N PRO E 41 53.33 -18.53 -13.57
CA PRO E 41 54.24 -19.07 -12.57
C PRO E 41 54.71 -18.01 -11.60
N GLY E 42 54.39 -18.20 -10.33
CA GLY E 42 54.76 -17.27 -9.28
C GLY E 42 53.85 -16.08 -9.12
N LYS E 43 52.88 -15.89 -10.02
CA LYS E 43 51.96 -14.78 -9.95
C LYS E 43 50.60 -15.26 -9.46
N GLY E 44 49.64 -14.35 -9.42
CA GLY E 44 48.33 -14.64 -8.86
C GLY E 44 47.36 -15.19 -9.89
N LEU E 45 46.25 -15.72 -9.37
CA LEU E 45 45.25 -16.36 -10.21
C LEU E 45 44.54 -15.33 -11.09
N GLU E 46 44.07 -15.78 -12.25
CA GLU E 46 43.33 -14.93 -13.16
C GLU E 46 42.28 -15.76 -13.87
N TRP E 47 41.04 -15.29 -13.86
CA TRP E 47 39.94 -16.00 -14.49
C TRP E 47 40.04 -15.90 -15.99
N VAL E 48 39.68 -16.97 -16.69
CA VAL E 48 39.82 -17.07 -18.15
C VAL E 48 38.46 -17.04 -18.84
N SER E 49 37.63 -18.04 -18.61
CA SER E 49 36.35 -18.13 -19.30
C SER E 49 35.50 -19.19 -18.62
N GLY E 50 34.20 -18.99 -18.64
CA GLY E 50 33.29 -19.89 -17.95
C GLY E 50 32.03 -20.12 -18.76
N ILE E 51 31.47 -21.33 -18.60
CA ILE E 51 30.19 -21.67 -19.20
C ILE E 51 29.32 -22.38 -18.19
N THR E 52 28.01 -22.37 -18.48
CA THR E 52 26.96 -22.76 -17.56
C THR E 52 26.74 -24.27 -17.64
N TRP E 53 25.65 -24.73 -17.02
CA TRP E 53 25.42 -26.16 -16.88
C TRP E 53 24.98 -26.79 -18.20
N THR E 54 23.90 -26.29 -18.78
CA THR E 54 23.50 -26.77 -20.11
C THR E 54 24.59 -26.50 -21.14
N GLY E 55 24.96 -25.23 -21.31
CA GLY E 55 26.05 -24.90 -22.20
C GLY E 55 25.77 -23.80 -23.19
N THR E 56 24.69 -23.06 -22.98
CA THR E 56 24.22 -22.10 -23.97
C THR E 56 24.83 -20.71 -23.83
N ARG E 57 25.67 -20.46 -22.82
CA ARG E 57 26.25 -19.14 -22.63
C ARG E 57 27.71 -19.26 -22.24
N THR E 58 28.49 -18.27 -22.67
CA THR E 58 29.94 -18.25 -22.52
C THR E 58 30.38 -16.85 -22.10
N TYR E 59 31.14 -16.76 -21.02
CA TYR E 59 31.60 -15.47 -20.50
C TYR E 59 33.12 -15.47 -20.45
N TYR E 60 33.73 -14.47 -21.08
CA TYR E 60 35.17 -14.36 -21.20
C TYR E 60 35.70 -13.24 -20.33
N ALA E 61 37.00 -13.27 -20.09
CA ALA E 61 37.71 -12.17 -19.46
C ALA E 61 38.05 -11.13 -20.53
N GLY E 62 38.91 -10.17 -20.18
CA GLY E 62 39.31 -9.16 -21.14
C GLY E 62 40.50 -9.58 -21.98
N SER E 63 41.55 -10.04 -21.30
CA SER E 63 42.75 -10.50 -22.02
C SER E 63 42.44 -11.66 -22.94
N VAL E 64 41.37 -12.39 -22.67
CA VAL E 64 40.95 -13.50 -23.51
C VAL E 64 39.62 -13.18 -24.20
N LYS E 65 39.39 -11.89 -24.50
CA LYS E 65 38.12 -11.41 -25.02
C LYS E 65 37.55 -12.27 -26.15
N GLY E 66 38.30 -12.39 -27.24
CA GLY E 66 37.82 -13.14 -28.38
C GLY E 66 38.89 -13.99 -29.01
N ARG E 67 39.86 -14.43 -28.22
CA ARG E 67 40.96 -15.22 -28.72
C ARG E 67 40.86 -16.70 -28.36
N PHE E 68 39.97 -17.06 -27.43
CA PHE E 68 39.79 -18.46 -27.06
C PHE E 68 38.30 -18.79 -27.09
N THR E 69 37.98 -20.00 -26.65
CA THR E 69 36.61 -20.48 -26.68
C THR E 69 36.53 -21.73 -25.81
N ILE E 70 35.35 -21.96 -25.25
CA ILE E 70 35.11 -22.99 -24.25
C ILE E 70 33.84 -23.74 -24.58
N SER E 71 33.84 -25.04 -24.34
CA SER E 71 32.68 -25.88 -24.60
C SER E 71 32.67 -27.02 -23.58
N ARG E 72 31.65 -27.85 -23.65
CA ARG E 72 31.53 -28.97 -22.74
C ARG E 72 30.81 -30.11 -23.45
N ASP E 73 30.71 -31.23 -22.76
CA ASP E 73 29.97 -32.38 -23.25
C ASP E 73 29.62 -33.24 -22.04
N ASN E 74 28.32 -33.29 -21.72
CA ASN E 74 27.87 -34.16 -20.62
C ASN E 74 27.97 -35.63 -21.00
N ALA E 75 28.09 -35.93 -22.29
CA ALA E 75 28.21 -37.32 -22.71
C ALA E 75 29.56 -37.90 -22.30
N LYS E 76 30.64 -37.28 -22.76
CA LYS E 76 31.98 -37.74 -22.40
C LYS E 76 32.44 -37.21 -21.05
N ASN E 77 31.59 -36.47 -20.32
CA ASN E 77 31.95 -35.85 -19.06
C ASN E 77 33.22 -35.01 -19.22
N SER E 78 33.13 -34.00 -20.07
CA SER E 78 34.34 -33.31 -20.48
C SER E 78 34.09 -31.82 -20.65
N LEU E 79 35.15 -31.05 -20.43
CA LEU E 79 35.16 -29.61 -20.65
C LEU E 79 36.36 -29.26 -21.51
N TYR E 80 36.19 -28.33 -22.43
CA TYR E 80 37.22 -28.03 -23.41
C TYR E 80 37.48 -26.54 -23.47
N LEU E 81 38.74 -26.18 -23.60
CA LEU E 81 39.14 -24.84 -23.99
C LEU E 81 39.98 -24.93 -25.25
N GLN E 82 39.87 -23.90 -26.09
CA GLN E 82 40.59 -23.87 -27.36
C GLN E 82 41.11 -22.44 -27.55
N MET E 83 42.42 -22.29 -27.55
CA MET E 83 43.05 -20.98 -27.62
C MET E 83 43.79 -20.82 -28.94
N THR E 84 43.69 -19.64 -29.51
CA THR E 84 44.27 -19.34 -30.80
C THR E 84 44.83 -17.92 -30.79
N ARG E 85 45.87 -17.70 -31.58
CA ARG E 85 46.61 -16.45 -31.60
C ARG E 85 47.24 -16.12 -30.25
N LEU E 86 47.42 -17.12 -29.40
CA LEU E 86 47.85 -16.87 -28.04
C LEU E 86 49.25 -16.27 -28.01
N ARG E 87 49.41 -15.21 -27.22
CA ARG E 87 50.66 -14.48 -27.13
C ARG E 87 51.53 -15.07 -26.04
N ALA E 88 52.69 -14.46 -25.82
CA ALA E 88 53.59 -14.92 -24.76
C ALA E 88 52.98 -14.74 -23.37
N GLU E 89 52.05 -13.80 -23.21
CA GLU E 89 51.43 -13.50 -21.93
C GLU E 89 50.41 -14.54 -21.52
N ASP E 90 50.34 -15.68 -22.20
CA ASP E 90 49.39 -16.72 -21.87
C ASP E 90 50.01 -17.91 -21.17
N THR E 91 51.33 -17.99 -21.12
CA THR E 91 52.00 -19.08 -20.40
C THR E 91 51.51 -19.11 -18.96
N ALA E 92 50.90 -20.22 -18.58
CA ALA E 92 50.29 -20.31 -17.25
C ALA E 92 50.14 -21.77 -16.87
N PHE E 93 49.34 -22.01 -15.84
CA PHE E 93 49.14 -23.31 -15.21
C PHE E 93 47.62 -23.40 -15.08
N TYR E 94 46.97 -24.00 -16.07
CA TYR E 94 45.52 -23.90 -16.16
C TYR E 94 44.82 -24.90 -15.28
N TYR E 95 43.82 -24.41 -14.53
CA TYR E 95 42.98 -25.22 -13.67
C TYR E 95 41.55 -25.16 -14.19
N CYS E 96 40.97 -26.32 -14.45
CA CYS E 96 39.56 -26.45 -14.80
C CYS E 96 38.78 -26.65 -13.51
N THR E 97 37.88 -25.70 -13.20
CA THR E 97 37.26 -25.64 -11.89
C THR E 97 35.75 -25.81 -11.98
N LYS E 98 35.21 -26.52 -11.01
CA LYS E 98 33.80 -26.74 -10.76
C LYS E 98 33.20 -25.56 -10.00
N ASP E 99 31.87 -25.49 -10.00
CA ASP E 99 31.12 -24.57 -9.16
C ASP E 99 30.20 -25.36 -8.22
N ARG E 100 29.42 -24.61 -7.44
CA ARG E 100 28.33 -25.17 -6.66
C ARG E 100 26.98 -24.78 -7.23
N VAL E 101 26.96 -24.37 -8.49
CA VAL E 101 25.84 -23.65 -9.08
C VAL E 101 25.72 -24.04 -10.53
N ALA E 102 24.49 -24.09 -11.02
CA ALA E 102 24.27 -24.48 -12.40
C ALA E 102 24.58 -23.36 -13.38
N VAL E 103 24.36 -22.11 -13.00
CA VAL E 103 24.62 -21.00 -13.91
C VAL E 103 26.00 -20.43 -13.63
N GLY E 104 26.20 -19.95 -12.41
CA GLY E 104 27.47 -19.41 -11.99
C GLY E 104 28.03 -18.31 -12.87
N ARG E 105 27.26 -17.24 -13.12
CA ARG E 105 27.83 -16.13 -13.87
C ARG E 105 28.86 -15.38 -13.02
N PRO E 106 28.56 -14.93 -11.80
CA PRO E 106 29.63 -14.61 -10.87
C PRO E 106 30.09 -15.89 -10.18
N PRO E 107 31.27 -16.39 -10.53
CA PRO E 107 31.62 -17.77 -10.16
C PRO E 107 31.94 -17.94 -8.68
N SER E 108 31.70 -19.16 -8.21
CA SER E 108 32.15 -19.59 -6.89
C SER E 108 32.80 -20.96 -7.10
N PHE E 109 34.13 -20.97 -7.15
CA PHE E 109 34.87 -22.19 -7.42
C PHE E 109 34.85 -23.11 -6.21
N ASP E 110 34.54 -24.38 -6.43
CA ASP E 110 34.34 -25.33 -5.36
C ASP E 110 35.43 -26.39 -5.31
N SER E 111 35.64 -27.11 -6.41
CA SER E 111 36.75 -28.06 -6.51
C SER E 111 37.59 -27.71 -7.73
N TRP E 112 38.87 -28.03 -7.65
CA TRP E 112 39.85 -27.66 -8.67
C TRP E 112 40.49 -28.92 -9.24
N GLY E 113 41.20 -28.73 -10.35
CA GLY E 113 41.99 -29.79 -10.94
C GLY E 113 43.46 -29.59 -10.63
N GLN E 114 44.22 -30.67 -10.75
CA GLN E 114 45.64 -30.62 -10.41
C GLN E 114 46.39 -29.59 -11.25
N GLY E 115 45.89 -29.28 -12.44
CA GLY E 115 46.46 -28.25 -13.28
C GLY E 115 47.14 -28.83 -14.51
N VAL E 116 47.42 -27.94 -15.45
CA VAL E 116 48.10 -28.33 -16.69
C VAL E 116 48.98 -27.18 -17.16
N LEU E 117 50.27 -27.44 -17.31
CA LEU E 117 51.21 -26.39 -17.70
C LEU E 117 51.04 -26.05 -19.17
N VAL E 118 51.15 -24.77 -19.49
CA VAL E 118 51.08 -24.31 -20.88
C VAL E 118 52.12 -23.22 -21.06
N THR E 119 53.08 -23.44 -21.95
CA THR E 119 54.11 -22.47 -22.26
C THR E 119 53.86 -21.90 -23.65
N VAL E 120 54.79 -21.07 -24.10
CA VAL E 120 54.69 -20.48 -25.42
C VAL E 120 56.06 -20.01 -25.88
N VAL F 2 -45.46 24.60 -20.12
CA VAL F 2 -44.76 23.54 -19.40
C VAL F 2 -45.16 22.17 -19.96
N GLN F 3 -44.32 21.62 -20.82
CA GLN F 3 -44.58 20.33 -21.42
C GLN F 3 -43.34 19.45 -21.40
N LEU F 4 -43.56 18.15 -21.25
CA LEU F 4 -42.50 17.15 -21.29
C LEU F 4 -42.98 16.05 -22.23
N VAL F 5 -42.58 16.13 -23.50
CA VAL F 5 -43.10 15.27 -24.56
C VAL F 5 -42.14 14.08 -24.69
N GLU F 6 -42.64 12.89 -24.40
CA GLU F 6 -41.86 11.68 -24.58
C GLU F 6 -42.00 11.19 -26.02
N SER F 7 -40.88 10.94 -26.68
CA SER F 7 -40.83 10.75 -28.12
C SER F 7 -39.99 9.53 -28.48
N GLY F 8 -40.22 8.42 -27.80
CA GLY F 8 -39.50 7.21 -28.12
C GLY F 8 -40.27 5.98 -27.71
N GLY F 9 -39.70 4.83 -28.03
CA GLY F 9 -40.25 3.56 -27.60
C GLY F 9 -41.30 3.01 -28.55
N GLY F 10 -41.79 1.83 -28.21
CA GLY F 10 -42.71 1.11 -29.06
C GLY F 10 -42.53 -0.40 -28.98
N LEU F 11 -42.32 -1.05 -30.12
CA LEU F 11 -42.12 -2.48 -30.15
C LEU F 11 -40.64 -2.81 -30.07
N VAL F 12 -40.41 -3.97 -29.52
CA VAL F 12 -39.04 -4.43 -29.36
C VAL F 12 -39.06 -5.86 -28.88
N LYS F 13 -37.97 -6.54 -29.10
CA LYS F 13 -37.88 -7.95 -28.77
C LYS F 13 -37.11 -8.15 -27.47
N PRO F 14 -37.27 -9.30 -26.82
CA PRO F 14 -36.45 -9.61 -25.66
C PRO F 14 -34.96 -9.42 -25.94
N GLY F 15 -34.22 -9.06 -24.90
CA GLY F 15 -32.83 -8.70 -25.08
C GLY F 15 -32.63 -7.46 -25.93
N GLY F 16 -33.67 -6.66 -26.12
CA GLY F 16 -33.62 -5.54 -27.02
C GLY F 16 -32.80 -4.38 -26.48
N SER F 17 -32.85 -3.28 -27.24
CA SER F 17 -32.10 -2.09 -26.91
C SER F 17 -32.85 -0.88 -27.44
N LEU F 18 -33.25 0.00 -26.53
CA LEU F 18 -34.08 1.16 -26.86
C LEU F 18 -33.46 2.41 -26.27
N ARG F 19 -33.89 3.57 -26.78
CA ARG F 19 -33.49 4.86 -26.23
C ARG F 19 -34.70 5.78 -26.30
N LEU F 20 -35.38 5.94 -25.16
CA LEU F 20 -36.48 6.87 -25.06
C LEU F 20 -35.97 8.29 -24.91
N SER F 21 -36.68 9.23 -25.50
CA SER F 21 -36.40 10.65 -25.35
C SER F 21 -37.58 11.34 -24.67
N CYS F 22 -37.26 12.41 -23.94
CA CYS F 22 -38.27 13.25 -23.31
C CYS F 22 -37.77 14.69 -23.48
N VAL F 23 -38.39 15.42 -24.37
CA VAL F 23 -37.98 16.80 -24.65
C VAL F 23 -38.84 17.74 -23.82
N ALA F 24 -38.18 18.66 -23.13
CA ALA F 24 -38.85 19.63 -22.29
C ALA F 24 -39.20 20.88 -23.09
N SER F 25 -40.10 21.67 -22.53
CA SER F 25 -40.46 22.96 -23.13
C SER F 25 -41.13 23.81 -22.07
N GLY F 26 -40.63 25.04 -21.91
CA GLY F 26 -41.24 26.04 -21.05
C GLY F 26 -40.43 26.37 -19.81
N PHE F 27 -39.69 25.40 -19.27
CA PHE F 27 -38.98 25.60 -18.02
C PHE F 27 -37.48 25.47 -18.23
N THR F 28 -36.72 26.04 -17.29
CA THR F 28 -35.27 26.00 -17.32
C THR F 28 -34.82 24.59 -16.98
N PHE F 29 -34.45 23.82 -18.00
CA PHE F 29 -34.14 22.41 -17.81
C PHE F 29 -32.91 22.22 -16.93
N SER F 30 -31.99 23.18 -16.94
CA SER F 30 -30.78 23.08 -16.14
C SER F 30 -31.02 23.28 -14.67
N ASP F 31 -32.27 23.41 -14.22
CA ASP F 31 -32.57 23.57 -12.80
C ASP F 31 -33.58 22.55 -12.30
N TYR F 32 -33.58 21.34 -12.86
CA TYR F 32 -34.55 20.34 -12.47
C TYR F 32 -33.93 18.96 -12.52
N GLU F 33 -34.06 18.22 -11.41
CA GLU F 33 -33.71 16.80 -11.41
C GLU F 33 -34.73 16.03 -12.23
N MET F 34 -34.27 15.19 -13.13
CA MET F 34 -35.17 14.50 -14.04
C MET F 34 -35.22 13.03 -13.68
N HIS F 35 -36.44 12.53 -13.46
CA HIS F 35 -36.67 11.15 -13.09
C HIS F 35 -37.43 10.42 -14.19
N TRP F 36 -37.14 9.14 -14.32
CA TRP F 36 -37.95 8.22 -15.11
C TRP F 36 -38.69 7.31 -14.15
N VAL F 37 -39.99 7.14 -14.39
CA VAL F 37 -40.82 6.24 -13.59
C VAL F 37 -41.77 5.51 -14.53
N ARG F 38 -41.93 4.21 -14.31
CA ARG F 38 -42.72 3.36 -15.20
C ARG F 38 -43.88 2.72 -14.46
N GLN F 39 -44.98 2.54 -15.18
CA GLN F 39 -46.20 1.95 -14.64
C GLN F 39 -46.66 0.85 -15.58
N ALA F 40 -46.71 -0.38 -15.07
CA ALA F 40 -47.13 -1.48 -15.91
C ALA F 40 -48.63 -1.37 -16.18
N PRO F 41 -49.10 -1.91 -17.32
CA PRO F 41 -50.54 -1.91 -17.60
C PRO F 41 -51.34 -2.51 -16.47
N GLY F 42 -52.18 -1.69 -15.82
CA GLY F 42 -52.97 -2.13 -14.69
C GLY F 42 -52.11 -2.51 -13.49
N LYS F 43 -51.18 -1.64 -13.12
CA LYS F 43 -50.28 -1.92 -12.01
C LYS F 43 -49.81 -0.60 -11.42
N GLY F 44 -49.17 -0.70 -10.26
CA GLY F 44 -48.73 0.49 -9.56
C GLY F 44 -47.44 1.07 -10.13
N LEU F 45 -47.27 2.37 -9.93
CA LEU F 45 -46.10 3.06 -10.44
C LEU F 45 -44.82 2.52 -9.81
N GLU F 46 -43.73 2.55 -10.56
CA GLU F 46 -42.45 2.07 -10.10
C GLU F 46 -41.37 3.07 -10.50
N TRP F 47 -40.80 3.74 -9.50
CA TRP F 47 -39.69 4.64 -9.74
C TRP F 47 -38.48 3.87 -10.24
N VAL F 48 -37.85 4.36 -11.31
CA VAL F 48 -36.72 3.62 -11.85
C VAL F 48 -35.42 4.42 -11.83
N SER F 49 -35.42 5.66 -12.29
CA SER F 49 -34.12 6.34 -12.38
C SER F 49 -34.22 7.83 -12.10
N VAL F 50 -33.09 8.40 -11.68
CA VAL F 50 -32.97 9.84 -11.46
C VAL F 50 -31.61 10.32 -11.94
N ILE F 51 -31.60 11.48 -12.60
CA ILE F 51 -30.38 12.16 -13.01
C ILE F 51 -30.44 13.61 -12.52
N SER F 52 -29.27 14.13 -12.18
CA SER F 52 -29.13 15.41 -11.52
C SER F 52 -29.10 16.55 -12.53
N GLU F 53 -29.17 17.78 -12.01
CA GLU F 53 -29.26 18.96 -12.86
C GLU F 53 -28.01 19.16 -13.70
N SER F 54 -26.88 18.58 -13.28
CA SER F 54 -25.64 18.71 -14.03
C SER F 54 -25.35 17.50 -14.89
N GLY F 55 -25.83 16.33 -14.48
CA GLY F 55 -25.47 15.08 -15.12
C GLY F 55 -24.49 14.25 -14.32
N GLY F 56 -24.05 14.75 -13.18
CA GLY F 56 -23.04 14.06 -12.40
C GLY F 56 -23.55 12.82 -11.70
N THR F 57 -24.51 12.98 -10.80
CA THR F 57 -24.99 11.88 -9.99
C THR F 57 -26.22 11.24 -10.64
N THR F 58 -26.28 9.93 -10.56
CA THR F 58 -27.33 9.13 -11.15
C THR F 58 -27.69 8.02 -10.20
N TYR F 59 -28.98 7.72 -10.09
CA TYR F 59 -29.42 6.64 -9.23
C TYR F 59 -30.45 5.77 -9.94
N TYR F 60 -30.31 4.46 -9.77
CA TYR F 60 -31.15 3.48 -10.41
C TYR F 60 -31.87 2.63 -9.36
N ALA F 61 -32.88 1.90 -9.81
CA ALA F 61 -33.67 1.07 -8.92
C ALA F 61 -32.93 -0.23 -8.64
N ASP F 62 -33.59 -1.18 -7.98
CA ASP F 62 -33.05 -2.51 -7.80
C ASP F 62 -33.52 -3.48 -8.87
N SER F 63 -33.98 -2.97 -10.00
CA SER F 63 -34.38 -3.78 -11.14
C SER F 63 -33.74 -3.34 -12.44
N VAL F 64 -33.40 -2.07 -12.59
CA VAL F 64 -32.81 -1.54 -13.80
C VAL F 64 -31.33 -1.25 -13.63
N LYS F 65 -30.74 -1.66 -12.51
CA LYS F 65 -29.34 -1.36 -12.22
C LYS F 65 -28.45 -2.11 -13.20
N GLY F 66 -27.60 -1.36 -13.92
CA GLY F 66 -26.72 -1.92 -14.92
C GLY F 66 -27.33 -2.06 -16.28
N ARG F 67 -28.64 -2.26 -16.36
CA ARG F 67 -29.33 -2.40 -17.64
C ARG F 67 -29.70 -1.06 -18.25
N PHE F 68 -29.98 -0.05 -17.44
CA PHE F 68 -30.43 1.24 -17.91
C PHE F 68 -29.31 2.26 -17.85
N THR F 69 -29.49 3.34 -18.60
CA THR F 69 -28.53 4.43 -18.61
C THR F 69 -29.29 5.71 -18.88
N ILE F 70 -29.42 6.55 -17.88
CA ILE F 70 -30.08 7.83 -18.03
C ILE F 70 -29.05 8.86 -18.45
N SER F 71 -29.49 9.87 -19.18
CA SER F 71 -28.60 10.92 -19.65
C SER F 71 -29.43 12.15 -19.96
N ARG F 72 -28.75 13.27 -20.19
CA ARG F 72 -29.47 14.48 -20.58
C ARG F 72 -28.52 15.41 -21.30
N ASP F 73 -29.10 16.24 -22.18
CA ASP F 73 -28.37 17.28 -22.86
C ASP F 73 -29.12 18.58 -22.66
N ASN F 74 -28.47 19.56 -22.03
CA ASN F 74 -29.11 20.82 -21.73
C ASN F 74 -29.07 21.80 -22.88
N ALA F 75 -28.21 21.56 -23.87
CA ALA F 75 -28.21 22.40 -25.06
C ALA F 75 -29.40 22.07 -25.97
N LYS F 76 -29.75 20.79 -26.06
CA LYS F 76 -30.93 20.36 -26.79
C LYS F 76 -32.16 20.22 -25.91
N ASN F 77 -32.02 20.47 -24.61
CA ASN F 77 -33.13 20.41 -23.66
C ASN F 77 -33.85 19.07 -23.73
N SER F 78 -33.09 17.99 -23.64
CA SER F 78 -33.65 16.66 -23.79
C SER F 78 -33.12 15.73 -22.71
N LEU F 79 -33.95 14.77 -22.33
CA LEU F 79 -33.59 13.70 -21.41
C LEU F 79 -33.68 12.38 -22.17
N PHE F 80 -32.75 11.47 -21.89
CA PHE F 80 -32.67 10.21 -22.60
C PHE F 80 -32.59 9.06 -21.61
N LEU F 81 -33.21 7.94 -21.96
CA LEU F 81 -33.12 6.71 -21.19
C LEU F 81 -32.80 5.57 -22.15
N GLN F 82 -31.62 4.98 -22.00
CA GLN F 82 -31.20 3.84 -22.82
C GLN F 82 -31.43 2.56 -22.04
N MET F 83 -32.28 1.69 -22.56
CA MET F 83 -32.55 0.39 -21.98
C MET F 83 -31.84 -0.68 -22.79
N ASN F 84 -31.15 -1.58 -22.10
CA ASN F 84 -30.55 -2.76 -22.71
C ASN F 84 -30.93 -3.98 -21.89
N SER F 85 -30.67 -5.16 -22.47
CA SER F 85 -30.92 -6.43 -21.80
C SER F 85 -32.36 -6.53 -21.28
N LEU F 86 -33.30 -6.02 -22.09
CA LEU F 86 -34.68 -5.95 -21.67
C LEU F 86 -35.25 -7.34 -21.38
N ARG F 87 -36.42 -7.34 -20.75
CA ARG F 87 -37.20 -8.53 -20.51
C ARG F 87 -38.65 -8.23 -20.85
N ALA F 88 -39.47 -9.28 -20.89
CA ALA F 88 -40.89 -9.09 -21.13
C ALA F 88 -41.59 -8.43 -19.93
N GLU F 89 -40.99 -8.52 -18.75
CA GLU F 89 -41.56 -7.88 -17.56
C GLU F 89 -41.38 -6.38 -17.59
N ASP F 90 -40.40 -5.87 -18.33
CA ASP F 90 -40.12 -4.44 -18.42
C ASP F 90 -41.13 -3.69 -19.26
N THR F 91 -42.22 -4.34 -19.67
CA THR F 91 -43.24 -3.69 -20.48
C THR F 91 -44.10 -2.80 -19.59
N ALA F 92 -44.07 -1.50 -19.85
CA ALA F 92 -44.80 -0.53 -19.04
C ALA F 92 -44.86 0.78 -19.80
N VAL F 93 -45.61 1.72 -19.25
CA VAL F 93 -45.63 3.09 -19.76
C VAL F 93 -44.63 3.91 -18.95
N TYR F 94 -43.70 4.55 -19.65
CA TYR F 94 -42.66 5.34 -19.04
C TYR F 94 -43.06 6.81 -19.06
N TYR F 95 -42.85 7.47 -17.92
CA TYR F 95 -43.12 8.89 -17.72
C TYR F 95 -41.84 9.57 -17.26
N CYS F 96 -41.57 10.73 -17.84
CA CYS F 96 -40.50 11.59 -17.36
C CYS F 96 -41.08 12.66 -16.46
N THR F 97 -40.62 12.69 -15.21
CA THR F 97 -41.09 13.63 -14.21
C THR F 97 -39.93 14.51 -13.78
N ARG F 98 -40.27 15.63 -13.14
CA ARG F 98 -39.27 16.59 -12.72
C ARG F 98 -39.39 16.90 -11.23
N VAL F 99 -38.27 17.30 -10.64
CA VAL F 99 -38.21 17.78 -9.27
C VAL F 99 -37.39 19.06 -9.28
N VAL F 100 -37.82 20.06 -8.53
CA VAL F 100 -37.13 21.34 -8.51
C VAL F 100 -36.15 21.36 -7.35
N ILE F 101 -35.00 21.99 -7.57
CA ILE F 101 -33.97 22.17 -6.56
C ILE F 101 -33.84 23.67 -6.30
N VAL F 102 -34.30 24.12 -5.15
CA VAL F 102 -34.29 25.56 -4.87
C VAL F 102 -32.85 26.07 -4.81
N VAL F 103 -32.06 25.55 -3.86
CA VAL F 103 -30.60 25.68 -3.90
C VAL F 103 -29.93 24.32 -3.74
N PHE F 104 -30.39 23.53 -2.77
CA PHE F 104 -30.00 22.13 -2.65
C PHE F 104 -31.17 21.21 -2.34
N THR F 105 -32.27 21.71 -1.80
CA THR F 105 -33.38 20.88 -1.38
C THR F 105 -34.28 20.55 -2.57
N ALA F 106 -34.78 19.32 -2.60
CA ALA F 106 -35.69 18.87 -3.65
C ALA F 106 -37.12 19.20 -3.24
N MET F 107 -37.72 20.18 -3.90
CA MET F 107 -39.05 20.66 -3.55
C MET F 107 -40.08 20.12 -4.53
N ARG F 108 -41.24 19.74 -4.01
CA ARG F 108 -42.45 19.48 -4.79
C ARG F 108 -42.19 18.40 -5.85
N HIS F 109 -41.93 17.20 -5.35
CA HIS F 109 -41.56 16.09 -6.21
C HIS F 109 -42.65 15.79 -7.24
N PHE F 110 -42.23 15.66 -8.49
CA PHE F 110 -43.08 15.17 -9.58
C PHE F 110 -44.27 16.11 -9.83
N ASP F 111 -43.94 17.37 -10.11
CA ASP F 111 -44.97 18.38 -10.34
C ASP F 111 -45.70 18.12 -11.65
N TYR F 112 -44.98 18.18 -12.76
CA TYR F 112 -45.54 17.97 -14.09
C TYR F 112 -44.97 16.68 -14.66
N TRP F 113 -45.85 15.75 -15.01
CA TRP F 113 -45.43 14.50 -15.60
C TRP F 113 -45.46 14.60 -17.12
N GLY F 114 -45.13 13.49 -17.78
CA GLY F 114 -45.18 13.42 -19.23
C GLY F 114 -46.39 12.63 -19.70
N GLN F 115 -46.59 12.67 -21.02
CA GLN F 115 -47.71 11.95 -21.60
C GLN F 115 -47.57 10.44 -21.43
N GLY F 116 -46.35 9.94 -21.41
CA GLY F 116 -46.11 8.51 -21.26
C GLY F 116 -45.94 7.81 -22.59
N VAL F 117 -44.98 6.88 -22.67
CA VAL F 117 -44.79 6.08 -23.87
C VAL F 117 -44.60 4.63 -23.45
N LEU F 118 -45.18 3.70 -24.21
CA LEU F 118 -45.23 2.32 -23.79
C LEU F 118 -44.12 1.51 -24.43
N VAL F 119 -43.56 0.58 -23.66
CA VAL F 119 -42.50 -0.28 -24.12
C VAL F 119 -42.70 -1.69 -23.57
N ASP G 1 -35.03 0.70 0.29
CA ASP G 1 -35.84 -0.47 0.62
C ASP G 1 -36.95 -0.11 1.59
N ILE G 2 -37.35 1.15 1.58
CA ILE G 2 -38.43 1.63 2.45
C ILE G 2 -39.75 1.17 1.84
N GLN G 3 -40.31 0.09 2.38
CA GLN G 3 -41.54 -0.49 1.85
C GLN G 3 -42.74 0.31 2.36
N MET G 4 -43.54 0.81 1.43
CA MET G 4 -44.73 1.60 1.75
C MET G 4 -45.98 0.78 1.46
N THR G 5 -46.95 0.87 2.37
CA THR G 5 -48.19 0.12 2.24
C THR G 5 -49.39 1.01 2.54
N GLN G 6 -50.36 1.05 1.64
CA GLN G 6 -51.58 1.82 1.86
C GLN G 6 -52.75 0.92 2.18
N SER G 7 -53.77 1.53 2.79
CA SER G 7 -54.99 0.88 3.19
C SER G 7 -56.14 1.87 3.05
N PRO G 8 -57.33 1.43 2.63
CA PRO G 8 -57.65 0.05 2.25
C PRO G 8 -57.35 -0.23 0.78
N SER G 9 -57.41 -1.50 0.39
CA SER G 9 -57.16 -1.87 -1.01
C SER G 9 -58.25 -1.32 -1.93
N SER G 10 -59.49 -1.72 -1.67
CA SER G 10 -60.65 -1.23 -2.43
C SER G 10 -61.39 -0.21 -1.58
N LEU G 11 -62.09 0.70 -2.25
CA LEU G 11 -62.70 1.82 -1.54
C LEU G 11 -63.87 2.36 -2.36
N SER G 12 -64.95 2.72 -1.67
CA SER G 12 -66.17 3.14 -2.35
C SER G 12 -67.02 3.95 -1.39
N ALA G 13 -67.37 5.18 -1.80
CA ALA G 13 -68.21 6.05 -1.01
C ALA G 13 -69.10 6.89 -1.92
N PRO G 14 -70.40 6.98 -1.63
CA PRO G 14 -71.29 7.81 -2.46
C PRO G 14 -70.86 9.26 -2.46
N VAL G 15 -71.49 10.04 -3.34
CA VAL G 15 -71.17 11.45 -3.49
C VAL G 15 -71.56 12.20 -2.23
N GLY G 16 -70.58 12.83 -1.60
CA GLY G 16 -70.82 13.62 -0.42
C GLY G 16 -70.46 12.97 0.90
N ASP G 17 -69.30 12.32 0.99
CA ASP G 17 -68.92 11.57 2.18
C ASP G 17 -67.48 11.87 2.55
N THR G 18 -67.12 11.49 3.77
CA THR G 18 -65.75 11.56 4.24
C THR G 18 -65.07 10.22 3.98
N VAL G 19 -63.87 10.27 3.41
CA VAL G 19 -63.11 9.08 3.04
C VAL G 19 -61.69 9.26 3.56
N THR G 20 -61.13 8.19 4.13
CA THR G 20 -59.79 8.21 4.70
C THR G 20 -58.96 7.09 4.09
N ILE G 21 -57.74 7.43 3.67
CA ILE G 21 -56.78 6.47 3.13
C ILE G 21 -55.46 6.68 3.86
N THR G 22 -54.86 5.59 4.34
CA THR G 22 -53.64 5.68 5.11
C THR G 22 -52.47 5.05 4.36
N CYS G 23 -51.27 5.59 4.59
CA CYS G 23 -50.03 5.09 4.02
C CYS G 23 -49.02 4.93 5.14
N ARG G 24 -48.33 3.79 5.16
CA ARG G 24 -47.41 3.44 6.23
C ARG G 24 -46.04 3.12 5.65
N ALA G 25 -44.99 3.56 6.36
CA ALA G 25 -43.61 3.34 5.98
C ALA G 25 -42.92 2.48 7.02
N SER G 26 -41.99 1.63 6.57
CA SER G 26 -41.24 0.79 7.48
C SER G 26 -40.38 1.63 8.44
N GLN G 27 -39.47 2.42 7.88
CA GLN G 27 -38.68 3.32 8.75
C GLN G 27 -39.48 4.59 8.97
N GLY G 28 -38.83 5.67 9.40
CA GLY G 28 -39.53 6.95 9.56
C GLY G 28 -39.30 7.85 8.35
N ILE G 29 -40.39 8.26 7.70
CA ILE G 29 -40.29 9.16 6.52
C ILE G 29 -40.47 10.61 7.01
N ASN G 30 -40.54 10.82 8.32
CA ASN G 30 -40.64 12.20 8.86
C ASN G 30 -41.85 12.90 8.25
N SER G 31 -41.62 14.01 7.53
CA SER G 31 -42.73 14.71 6.84
C SER G 31 -42.57 14.51 5.33
N TYR G 32 -41.72 13.56 4.92
CA TYR G 32 -41.43 13.39 3.48
C TYR G 32 -42.39 12.40 2.85
N LEU G 33 -43.52 12.90 2.32
CA LEU G 33 -44.47 12.05 1.62
C LEU G 33 -45.29 12.91 0.68
N ASN G 34 -45.62 12.35 -0.47
CA ASN G 34 -46.39 13.01 -1.50
C ASN G 34 -47.61 12.18 -1.85
N TRP G 35 -48.69 12.84 -2.24
CA TRP G 35 -49.91 12.17 -2.66
C TRP G 35 -50.24 12.53 -4.10
N PHE G 36 -50.49 11.51 -4.92
CA PHE G 36 -50.74 11.65 -6.34
C PHE G 36 -52.12 11.08 -6.69
N GLN G 37 -52.71 11.63 -7.74
CA GLN G 37 -53.99 11.19 -8.27
C GLN G 37 -53.79 10.71 -9.70
N GLN G 38 -54.42 9.59 -10.06
CA GLN G 38 -54.33 9.06 -11.42
C GLN G 38 -55.68 8.55 -11.87
N LYS G 39 -56.30 9.27 -12.82
CA LYS G 39 -57.42 8.74 -13.56
C LYS G 39 -56.94 7.60 -14.45
N PRO G 40 -57.82 6.68 -14.81
CA PRO G 40 -57.40 5.57 -15.66
C PRO G 40 -57.01 6.02 -17.06
N GLY G 41 -55.71 5.96 -17.37
CA GLY G 41 -55.23 6.23 -18.71
C GLY G 41 -54.45 7.51 -18.87
N LYS G 42 -54.50 8.43 -17.91
CA LYS G 42 -53.85 9.72 -18.04
C LYS G 42 -52.65 9.79 -17.10
N ALA G 43 -51.86 10.85 -17.25
CA ALA G 43 -50.69 11.03 -16.40
C ALA G 43 -51.11 11.47 -15.00
N PRO G 44 -50.40 11.05 -13.97
CA PRO G 44 -50.78 11.42 -12.60
C PRO G 44 -50.61 12.91 -12.36
N LYS G 45 -51.11 13.34 -11.20
CA LYS G 45 -51.01 14.74 -10.80
C LYS G 45 -50.63 14.78 -9.33
N LEU G 46 -50.26 15.97 -8.86
CA LEU G 46 -49.80 16.13 -7.50
C LEU G 46 -50.88 16.77 -6.63
N LEU G 47 -51.10 16.18 -5.45
CA LEU G 47 -52.17 16.61 -4.56
C LEU G 47 -51.67 17.27 -3.28
N ILE G 48 -50.77 16.62 -2.54
CA ILE G 48 -50.14 17.25 -1.38
C ILE G 48 -48.67 16.84 -1.35
N TYR G 49 -47.81 17.76 -0.93
CA TYR G 49 -46.40 17.51 -0.72
C TYR G 49 -46.00 17.97 0.68
N ASP G 50 -44.90 17.40 1.17
CA ASP G 50 -44.45 17.58 2.54
C ASP G 50 -45.54 17.14 3.51
N ALA G 51 -46.41 16.24 3.04
CA ALA G 51 -47.42 15.51 3.80
C ALA G 51 -48.59 16.39 4.24
N SER G 52 -48.49 17.71 4.06
CA SER G 52 -49.55 18.60 4.52
C SER G 52 -49.96 19.69 3.55
N THR G 53 -49.15 20.05 2.54
CA THR G 53 -49.34 21.29 1.80
C THR G 53 -49.92 21.01 0.43
N LEU G 54 -50.90 21.81 0.04
CA LEU G 54 -51.55 21.73 -1.27
C LEU G 54 -50.83 22.59 -2.30
N GLU G 55 -51.23 22.44 -3.55
CA GLU G 55 -50.63 23.15 -4.66
C GLU G 55 -51.55 24.24 -5.18
N SER G 56 -51.05 25.01 -6.14
CA SER G 56 -51.84 26.05 -6.79
C SER G 56 -52.66 25.43 -7.91
N GLY G 57 -53.96 25.33 -7.69
CA GLY G 57 -54.87 24.72 -8.66
C GLY G 57 -55.50 23.43 -8.22
N VAL G 58 -54.94 22.74 -7.22
CA VAL G 58 -55.50 21.49 -6.73
C VAL G 58 -56.82 21.80 -6.03
N PRO G 59 -57.80 20.90 -6.05
CA PRO G 59 -59.04 21.14 -5.29
C PRO G 59 -58.74 21.27 -3.79
N SER G 60 -59.33 22.28 -3.18
CA SER G 60 -59.09 22.61 -1.78
C SER G 60 -59.87 21.73 -0.82
N ARG G 61 -60.46 20.63 -1.29
CA ARG G 61 -61.20 19.71 -0.44
C ARG G 61 -60.42 18.47 -0.07
N PHE G 62 -59.16 18.37 -0.49
CA PHE G 62 -58.30 17.25 -0.16
C PHE G 62 -57.46 17.59 1.06
N SER G 63 -57.68 16.89 2.18
CA SER G 63 -56.97 17.16 3.42
C SER G 63 -55.96 16.06 3.63
N GLY G 64 -54.71 16.43 3.87
CA GLY G 64 -53.66 15.47 4.20
C GLY G 64 -52.98 15.88 5.49
N SER G 65 -52.84 14.94 6.41
CA SER G 65 -52.27 15.27 7.71
C SER G 65 -51.67 14.02 8.32
N GLY G 66 -50.36 14.04 8.57
CA GLY G 66 -49.70 12.93 9.21
C GLY G 66 -48.25 13.25 9.46
N SER G 67 -47.63 12.42 10.29
CA SER G 67 -46.20 12.50 10.56
C SER G 67 -45.73 11.12 11.00
N GLY G 68 -44.44 11.03 11.31
CA GLY G 68 -43.87 9.76 11.71
C GLY G 68 -43.86 8.76 10.57
N THR G 69 -44.52 7.63 10.77
CA THR G 69 -44.63 6.59 9.76
C THR G 69 -46.02 6.49 9.16
N ASP G 70 -47.07 6.71 9.95
CA ASP G 70 -48.45 6.62 9.48
C ASP G 70 -48.91 7.99 9.00
N PHE G 71 -49.37 8.07 7.75
CA PHE G 71 -49.85 9.29 7.15
C PHE G 71 -51.29 9.07 6.68
N THR G 72 -52.11 10.11 6.80
CA THR G 72 -53.54 10.00 6.51
C THR G 72 -53.95 11.05 5.49
N LEU G 73 -54.82 10.64 4.57
CA LEU G 73 -55.39 11.52 3.56
C LEU G 73 -56.90 11.35 3.57
N THR G 74 -57.62 12.40 3.92
CA THR G 74 -59.06 12.37 4.00
C THR G 74 -59.69 13.38 3.05
N ILE G 75 -60.97 13.17 2.79
CA ILE G 75 -61.80 14.05 1.99
C ILE G 75 -63.20 14.09 2.58
N SER G 76 -63.91 15.20 2.34
CA SER G 76 -65.22 15.40 2.92
C SER G 76 -66.34 15.49 1.90
N SER G 77 -66.06 15.89 0.67
CA SER G 77 -67.08 16.02 -0.37
C SER G 77 -66.60 15.28 -1.61
N LEU G 78 -67.28 14.18 -1.95
CA LEU G 78 -66.96 13.47 -3.17
C LEU G 78 -67.60 14.15 -4.37
N GLN G 79 -66.88 14.11 -5.48
CA GLN G 79 -67.34 14.67 -6.74
C GLN G 79 -67.02 13.66 -7.84
N PRO G 80 -67.67 13.76 -8.99
CA PRO G 80 -67.41 12.78 -10.06
C PRO G 80 -65.97 12.73 -10.53
N GLU G 81 -65.17 13.76 -10.29
CA GLU G 81 -63.78 13.77 -10.73
C GLU G 81 -62.82 13.22 -9.67
N ASP G 82 -63.31 12.86 -8.49
CA ASP G 82 -62.47 12.33 -7.43
C ASP G 82 -62.37 10.81 -7.47
N PHE G 83 -62.95 10.16 -8.47
CA PHE G 83 -62.99 8.70 -8.52
C PHE G 83 -61.83 8.20 -9.39
N ALA G 84 -60.66 8.16 -8.78
CA ALA G 84 -59.41 7.77 -9.44
C ALA G 84 -58.62 6.90 -8.48
N THR G 85 -57.34 6.69 -8.79
CA THR G 85 -56.45 5.90 -7.94
C THR G 85 -55.41 6.83 -7.32
N TYR G 86 -55.23 6.71 -6.00
CA TYR G 86 -54.39 7.62 -5.26
C TYR G 86 -53.13 6.90 -4.77
N TYR G 87 -52.01 7.59 -4.78
CA TYR G 87 -50.70 7.00 -4.52
C TYR G 87 -49.94 7.83 -3.50
N CYS G 88 -49.17 7.15 -2.64
CA CYS G 88 -48.30 7.81 -1.68
C CYS G 88 -46.85 7.50 -2.04
N LEU G 89 -46.02 8.54 -2.04
CA LEU G 89 -44.61 8.44 -2.38
C LEU G 89 -43.77 8.88 -1.19
N GLN G 90 -42.75 8.10 -0.86
CA GLN G 90 -41.73 8.52 0.09
C GLN G 90 -40.51 9.01 -0.66
N TYR G 91 -40.00 10.18 -0.28
CA TYR G 91 -38.79 10.74 -0.87
C TYR G 91 -37.75 11.01 0.21
N ASN G 92 -37.66 10.12 1.19
CA ASN G 92 -36.68 10.33 2.26
C ASN G 92 -35.26 10.01 1.78
N ASN G 93 -35.06 8.82 1.22
CA ASN G 93 -33.76 8.47 0.67
C ASN G 93 -33.95 7.46 -0.46
N TYR G 94 -33.04 7.50 -1.41
CA TYR G 94 -33.15 6.65 -2.58
C TYR G 94 -32.86 5.20 -2.21
N PRO G 95 -33.54 4.24 -2.87
CA PRO G 95 -34.51 4.45 -3.93
C PRO G 95 -35.87 4.89 -3.41
N PHE G 96 -36.54 5.77 -4.17
CA PHE G 96 -37.89 6.16 -3.83
C PHE G 96 -38.81 4.95 -3.88
N THR G 97 -40.01 5.11 -3.34
CA THR G 97 -40.96 4.01 -3.32
C THR G 97 -42.38 4.57 -3.40
N PHE G 98 -43.12 4.12 -4.41
CA PHE G 98 -44.55 4.36 -4.48
C PHE G 98 -45.28 3.25 -3.73
N GLY G 99 -46.47 3.55 -3.28
CA GLY G 99 -47.28 2.56 -2.62
C GLY G 99 -48.11 1.77 -3.61
N PRO G 100 -48.85 0.79 -3.09
CA PRO G 100 -49.73 0.01 -3.98
C PRO G 100 -50.82 0.84 -4.62
N GLY G 101 -51.55 1.63 -3.83
CA GLY G 101 -52.57 2.50 -4.34
C GLY G 101 -53.94 2.18 -3.74
N THR G 102 -54.81 3.18 -3.77
CA THR G 102 -56.18 3.05 -3.30
C THR G 102 -57.14 3.39 -4.43
N ARG G 103 -58.17 2.58 -4.60
CA ARG G 103 -59.14 2.74 -5.68
C ARG G 103 -60.43 3.29 -5.10
N LEU G 104 -60.68 4.58 -5.33
CA LEU G 104 -61.86 5.24 -4.77
C LEU G 104 -62.94 5.27 -5.85
N ASP G 105 -63.89 4.35 -5.74
CA ASP G 105 -64.94 4.16 -6.73
C ASP G 105 -66.25 4.84 -6.29
N ILE G 106 -67.13 5.04 -7.27
CA ILE G 106 -68.49 5.51 -7.01
C ILE G 106 -69.26 4.39 -6.35
N LYS G 107 -70.18 4.73 -5.45
CA LYS G 107 -71.03 3.74 -4.82
C LYS G 107 -72.02 3.16 -5.83
#